data_9L0H
#
_entry.id   9L0H
#
_cell.length_a   1.00
_cell.length_b   1.00
_cell.length_c   1.00
_cell.angle_alpha   90.00
_cell.angle_beta   90.00
_cell.angle_gamma   90.00
#
_symmetry.space_group_name_H-M   'P 1'
#
loop_
_entity.id
_entity.type
_entity.pdbx_description
1 polymer 'Muscarinic acetylcholine receptor M4,C3a anaphylatoxin chemotactic receptor'
2 polymer 'Guanine nucleotide-binding protein G(o) subunit alpha'
3 polymer 'Guanine nucleotide-binding protein G(I)/G(S)/G(T) subunit beta-1'
4 polymer 'Guanine nucleotide-binding protein G(I)/G(S)/G(O) subunit gamma-2'
5 polymer 'Antibody fragment - ScFv16'
6 non-polymer '(2~{S})-5-[bis(azanyl)methylideneamino]-2-[[5-[bis(4-chlorophenyl)methyl]-3-methyl-thiophen-2-yl]carbonylamino]pentanoic acid'
#
loop_
_entity_poly.entity_id
_entity_poly.type
_entity_poly.pdbx_seq_one_letter_code
_entity_poly.pdbx_strand_id
1 'polypeptide(L)'
;MGKTIIALSYIFCLVFADYKDDDDAANFTPVNGSSGNQSVRLVTSSSLEVLFQGPGSESFDADTNSTDLHSRPLFQPQDI
ASMVILGLTCLLGLLGNGLVLWVAGVKMKTTVNTVWFLHLTLADFLCCLSLPFSLAHLILQGHWPYGLFLCKLIPSIIIL
NMFASVFLLTAISLDRCLIVHKPIWCQNHRNVRTAFAICGCVWVVAFVMCVPVFVYRDLFIMDNRSICRYNFDSSRSYDY
WDYVYKLSLPESNSTDNSTAQLTGHMNDRSAPSSVQARDYFWTVTTALQSQPFLTSPEDSFSLDSANQQPHYGGKPPNVL
TAAVPSGFPVEDRKSNTLNADAFLSAHTELFPTASSGHLYPYDFQGDYVDQFTYDNHVPTPLMAITITRLVVGFLVPFFI
MVICYSLIVFRMRKTNFTKSRNKTFRVAVAVVTVFFICWTPYHLVGVLLLITDPESSLGEAVMSWDHMSIALASANSCFN
PFLYALLGKDFRKKARQSIKGILEAAFSEELTHSTNCTQDKASSKRNNMSTDV
;
E
2 'polypeptide(L)'
;MGHHHHHHENLYFQGTLSAEERAALERSKAIEKNLKEDGISAAKDVKLLLLGADNSGKSTIVKQMKIIHGGSGGSGGTTG
IVETHFTFKNLHFRLFDVGGQRSERKKWIHCFEDVTAIIFCVDLSDYDQVLHEDETTNRMHESLMLFDSICNNKFFIDTS
IILFLNKKDLFGEKIKKSPLTICFPEYTGPNTYEDAAAYIQAQFESKNRSPNKEIYCHMTCATDTNNAQVIFDAVTDIII
ANNLRGCGLY
;
A
3 'polypeptide(L)'
;MHHHHHHGSSGSELDQLRQEAEQLKNQIRDARKACADATLSQITNNIDPVGRIQMRTRRTLRGHLAKIYAMHWGTDSRLL
VSASQDGKLIIWDSYTTNKVHAIPLRSSWVMTCAYAPSGNYVACGGLDNICSIYNLKTREGNVRVSRELAGHTGYLSCCR
FLDDNQIVTSSGDTTCALWDIETGQQTTTFTGHTGDVMSLSLAPDTRLFVSGACDASAKLWDVREGMCRQTFTGHESDIN
AICFFPNGNAFATGSDDATCRLFDLRADQELMTYSHDNIICGITSVSFSKSGRLLLAGYDDFNCNVWDALKADRAGVLAG
HDNRVSCLGVTDDGMAVATGSWDSFLKIWN
;
B
4 'polypeptide(L)' MASNNTASIAQARKLVEQLKMEANIDRIKVSKAAADLMAYCEAHAKEDPLLTPVPASENPFREKKFFCAIL G
5 'polypeptide(L)'
;DVQLVESGGGLVQPGGSRKLSCSASGFAFSSFGMHWVRQAPEKGLEWVAYISSGSGTIYYADTVKGRFTISRDDPKNTLF
LQMTSLRSEDTAMYYCVRSIYYYGSSPFDFWGQGTTLTVSSGGGGSGGGGSGGGGSDIVMTQATSSVPVTPGESVSISCR
SSKSLLHSNGNTYLYWFLQRPGQSPQLLIYRMSNLASGVPDRFSGSGSGTAFTLTISRLEAEDVGVYYCMQHLEYPLTFG
AGTKLELK
;
H
#
loop_
_chem_comp.id
_chem_comp.type
_chem_comp.name
_chem_comp.formula
A1D9A non-polymer '(2~{S})-5-[bis(azanyl)methylideneamino]-2-[[5-[bis(4-chlorophenyl)methyl]-3-methyl-thiophen-2-yl]carbonylamino]pentanoic acid' 'C25 H26 Cl2 N4 O3 S'
#
# COMPACT_ATOMS: atom_id res chain seq x y z
N LEU A 74 -51.32 -36.36 8.40
CA LEU A 74 -50.56 -35.78 9.49
C LEU A 74 -50.10 -34.36 9.14
N PHE A 75 -49.68 -34.18 7.88
CA PHE A 75 -49.20 -32.89 7.37
C PHE A 75 -50.00 -32.54 6.13
N GLN A 76 -50.27 -31.25 5.95
CA GLN A 76 -50.90 -30.78 4.72
C GLN A 76 -49.92 -30.99 3.56
N PRO A 77 -50.37 -31.54 2.43
CA PRO A 77 -49.43 -31.82 1.34
C PRO A 77 -48.67 -30.59 0.85
N GLN A 78 -49.37 -29.47 0.70
CA GLN A 78 -48.67 -28.24 0.35
C GLN A 78 -47.66 -27.86 1.42
N ASP A 79 -47.98 -28.14 2.69
CA ASP A 79 -47.03 -27.87 3.75
C ASP A 79 -45.83 -28.81 3.69
N ILE A 80 -46.03 -30.05 3.24
CA ILE A 80 -44.90 -30.97 3.05
C ILE A 80 -43.98 -30.45 1.96
N ALA A 81 -44.57 -30.01 0.84
CA ALA A 81 -43.76 -29.44 -0.23
C ALA A 81 -43.01 -28.20 0.25
N SER A 82 -43.70 -27.34 1.02
CA SER A 82 -43.04 -26.17 1.57
C SER A 82 -41.89 -26.55 2.49
N MET A 83 -42.09 -27.54 3.35
CA MET A 83 -41.04 -27.94 4.29
C MET A 83 -39.80 -28.43 3.55
N VAL A 84 -39.99 -29.30 2.55
CA VAL A 84 -38.83 -29.84 1.85
C VAL A 84 -38.14 -28.75 1.03
N ILE A 85 -38.90 -27.91 0.34
CA ILE A 85 -38.25 -26.88 -0.48
C ILE A 85 -37.55 -25.85 0.39
N LEU A 86 -38.10 -25.53 1.57
CA LEU A 86 -37.41 -24.62 2.47
C LEU A 86 -36.15 -25.25 3.07
N GLY A 87 -36.17 -26.55 3.32
CA GLY A 87 -34.94 -27.20 3.74
C GLY A 87 -33.85 -27.10 2.70
N LEU A 88 -34.18 -27.47 1.46
CA LEU A 88 -33.21 -27.34 0.38
C LEU A 88 -32.77 -25.89 0.20
N THR A 89 -33.72 -24.96 0.33
CA THR A 89 -33.43 -23.54 0.17
C THR A 89 -32.47 -23.05 1.23
N CYS A 90 -32.69 -23.43 2.49
CA CYS A 90 -31.83 -22.93 3.56
C CYS A 90 -30.42 -23.52 3.44
N LEU A 91 -30.30 -24.81 3.12
CA LEU A 91 -28.96 -25.36 2.90
C LEU A 91 -28.25 -24.66 1.74
N LEU A 92 -28.92 -24.55 0.59
CA LEU A 92 -28.27 -23.96 -0.58
C LEU A 92 -27.93 -22.50 -0.35
N GLY A 93 -28.86 -21.74 0.24
CA GLY A 93 -28.61 -20.33 0.48
C GLY A 93 -27.51 -20.10 1.49
N LEU A 94 -27.49 -20.88 2.57
CA LEU A 94 -26.40 -20.78 3.54
C LEU A 94 -25.06 -21.04 2.85
N LEU A 95 -24.97 -22.12 2.07
CA LEU A 95 -23.72 -22.44 1.40
C LEU A 95 -23.28 -21.32 0.47
N GLY A 96 -24.17 -20.88 -0.41
CA GLY A 96 -23.80 -19.87 -1.39
C GLY A 96 -23.46 -18.53 -0.77
N ASN A 97 -24.30 -18.08 0.17
CA ASN A 97 -24.08 -16.77 0.79
C ASN A 97 -22.82 -16.77 1.63
N GLY A 98 -22.58 -17.84 2.40
CA GLY A 98 -21.33 -17.92 3.14
C GLY A 98 -20.12 -17.93 2.23
N LEU A 99 -20.20 -18.68 1.13
CA LEU A 99 -19.09 -18.75 0.18
C LEU A 99 -18.79 -17.36 -0.38
N VAL A 100 -19.81 -16.65 -0.86
CA VAL A 100 -19.58 -15.36 -1.49
C VAL A 100 -19.12 -14.34 -0.47
N LEU A 101 -19.68 -14.37 0.74
CA LEU A 101 -19.26 -13.43 1.78
C LEU A 101 -17.80 -13.65 2.15
N TRP A 102 -17.41 -14.91 2.33
CA TRP A 102 -16.02 -15.20 2.66
C TRP A 102 -15.08 -14.77 1.53
N VAL A 103 -15.44 -15.09 0.29
CA VAL A 103 -14.58 -14.74 -0.84
C VAL A 103 -14.41 -13.23 -0.95
N ALA A 104 -15.51 -12.48 -0.79
CA ALA A 104 -15.43 -11.03 -0.87
C ALA A 104 -14.70 -10.43 0.33
N GLY A 105 -14.74 -11.10 1.48
CA GLY A 105 -14.14 -10.55 2.67
C GLY A 105 -12.65 -10.81 2.84
N VAL A 106 -12.17 -11.97 2.42
CA VAL A 106 -10.78 -12.32 2.66
C VAL A 106 -9.89 -12.14 1.43
N LYS A 107 -10.47 -12.08 0.24
CA LYS A 107 -9.69 -12.00 -1.00
C LYS A 107 -9.86 -10.69 -1.75
N MET A 108 -11.10 -10.28 -2.00
CA MET A 108 -11.36 -9.09 -2.81
C MET A 108 -11.35 -7.84 -1.95
N LYS A 109 -11.22 -6.69 -2.62
CA LYS A 109 -11.22 -5.40 -1.98
C LYS A 109 -12.59 -4.74 -2.10
N THR A 110 -12.70 -3.52 -1.55
CA THR A 110 -13.96 -2.79 -1.54
C THR A 110 -13.97 -1.76 -2.67
N THR A 111 -14.05 -2.27 -3.90
CA THR A 111 -14.11 -1.40 -5.06
C THR A 111 -15.51 -0.75 -5.16
N VAL A 112 -15.64 0.14 -6.14
CA VAL A 112 -16.88 0.91 -6.29
C VAL A 112 -18.05 0.00 -6.66
N ASN A 113 -17.79 -1.02 -7.47
CA ASN A 113 -18.86 -1.88 -8.00
C ASN A 113 -19.10 -3.15 -7.19
N THR A 114 -18.40 -3.33 -6.08
CA THR A 114 -18.57 -4.53 -5.26
C THR A 114 -19.28 -4.29 -3.93
N VAL A 115 -19.51 -3.03 -3.56
CA VAL A 115 -20.21 -2.76 -2.31
C VAL A 115 -21.65 -3.25 -2.38
N TRP A 116 -22.29 -3.07 -3.53
CA TRP A 116 -23.69 -3.46 -3.68
C TRP A 116 -23.85 -4.96 -3.48
N PHE A 117 -22.95 -5.75 -4.10
CA PHE A 117 -22.99 -7.19 -3.93
C PHE A 117 -22.76 -7.58 -2.48
N LEU A 118 -21.83 -6.89 -1.81
CA LEU A 118 -21.57 -7.16 -0.40
C LEU A 118 -22.85 -6.97 0.43
N HIS A 119 -23.52 -5.84 0.24
CA HIS A 119 -24.71 -5.57 1.03
C HIS A 119 -25.83 -6.55 0.73
N LEU A 120 -26.05 -6.85 -0.56
CA LEU A 120 -27.12 -7.78 -0.92
C LEU A 120 -26.84 -9.17 -0.38
N THR A 121 -25.59 -9.62 -0.48
CA THR A 121 -25.24 -10.94 0.05
C THR A 121 -25.39 -10.97 1.56
N LEU A 122 -25.04 -9.88 2.25
CA LEU A 122 -25.21 -9.85 3.70
C LEU A 122 -26.68 -9.94 4.08
N ALA A 123 -27.54 -9.20 3.39
CA ALA A 123 -28.97 -9.27 3.68
C ALA A 123 -29.52 -10.66 3.43
N ASP A 124 -29.16 -11.27 2.30
CA ASP A 124 -29.63 -12.61 1.99
C ASP A 124 -29.11 -13.62 3.00
N PHE A 125 -27.86 -13.49 3.41
CA PHE A 125 -27.27 -14.40 4.38
C PHE A 125 -27.98 -14.30 5.73
N LEU A 126 -28.29 -13.07 6.16
CA LEU A 126 -28.99 -12.91 7.44
C LEU A 126 -30.41 -13.47 7.36
N CYS A 127 -31.10 -13.26 6.24
CA CYS A 127 -32.44 -13.83 6.08
C CYS A 127 -32.38 -15.36 6.09
N CYS A 128 -31.37 -15.94 5.42
CA CYS A 128 -31.21 -17.38 5.43
C CYS A 128 -30.91 -17.90 6.83
N LEU A 129 -30.13 -17.16 7.61
CA LEU A 129 -29.90 -17.55 9.00
C LEU A 129 -31.20 -17.55 9.78
N SER A 130 -32.04 -16.53 9.59
CA SER A 130 -33.29 -16.46 10.34
C SER A 130 -34.33 -17.48 9.87
N LEU A 131 -34.19 -17.99 8.66
CA LEU A 131 -35.22 -18.87 8.09
C LEU A 131 -35.46 -20.16 8.89
N PRO A 132 -34.44 -20.91 9.31
CA PRO A 132 -34.73 -22.19 9.99
C PRO A 132 -35.55 -22.05 11.27
N PHE A 133 -35.50 -20.88 11.92
CA PHE A 133 -36.38 -20.66 13.06
C PHE A 133 -37.84 -20.69 12.63
N SER A 134 -38.14 -20.06 11.49
CA SER A 134 -39.50 -20.13 10.94
C SER A 134 -39.84 -21.54 10.47
N LEU A 135 -38.85 -22.27 9.97
CA LEU A 135 -39.08 -23.68 9.65
C LEU A 135 -39.48 -24.46 10.90
N ALA A 136 -38.81 -24.17 12.02
CA ALA A 136 -39.21 -24.77 13.29
C ALA A 136 -40.61 -24.33 13.69
N HIS A 137 -40.98 -23.08 13.42
CA HIS A 137 -42.35 -22.64 13.67
C HIS A 137 -43.33 -23.52 12.93
N LEU A 138 -43.12 -23.70 11.63
CA LEU A 138 -44.01 -24.50 10.81
C LEU A 138 -44.07 -25.95 11.29
N ILE A 139 -42.91 -26.50 11.66
CA ILE A 139 -42.87 -27.90 12.12
C ILE A 139 -43.65 -28.06 13.41
N LEU A 140 -43.50 -27.13 14.35
CA LEU A 140 -44.19 -27.25 15.62
C LEU A 140 -45.71 -27.12 15.49
N GLN A 141 -46.20 -26.49 14.42
CA GLN A 141 -47.63 -26.26 14.20
C GLN A 141 -48.24 -25.50 15.37
N GLY A 142 -47.81 -24.25 15.53
CA GLY A 142 -48.29 -23.42 16.61
C GLY A 142 -47.54 -23.69 17.90
N HIS A 143 -48.24 -23.56 19.03
CA HIS A 143 -47.66 -23.82 20.36
C HIS A 143 -46.37 -23.03 20.55
N TRP A 144 -46.52 -21.72 20.54
CA TRP A 144 -45.38 -20.83 20.69
C TRP A 144 -44.72 -21.07 22.04
N PRO A 145 -43.42 -21.45 22.08
CA PRO A 145 -42.78 -21.77 23.35
C PRO A 145 -42.08 -20.60 24.02
N TYR A 146 -41.89 -19.49 23.32
CA TYR A 146 -41.04 -18.41 23.78
C TYR A 146 -41.88 -17.32 24.46
N GLY A 147 -41.20 -16.25 24.87
CA GLY A 147 -41.84 -15.14 25.53
C GLY A 147 -42.40 -14.13 24.54
N LEU A 148 -42.70 -12.94 25.06
CA LEU A 148 -43.26 -11.89 24.22
C LEU A 148 -42.20 -11.26 23.32
N PHE A 149 -40.93 -11.28 23.74
CA PHE A 149 -39.89 -10.57 23.00
C PHE A 149 -39.67 -11.17 21.62
N LEU A 150 -39.65 -12.50 21.50
CA LEU A 150 -39.43 -13.11 20.20
C LEU A 150 -40.66 -12.96 19.29
N CYS A 151 -41.85 -13.15 19.88
CA CYS A 151 -43.12 -12.89 19.20
C CYS A 151 -43.20 -11.45 18.71
N LYS A 152 -42.48 -10.53 19.35
CA LYS A 152 -42.39 -9.15 18.88
C LYS A 152 -41.27 -8.94 17.87
N LEU A 153 -40.19 -9.70 17.97
CA LEU A 153 -38.96 -9.41 17.23
C LEU A 153 -38.92 -10.04 15.84
N ILE A 154 -39.13 -11.36 15.76
CA ILE A 154 -38.71 -12.10 14.56
C ILE A 154 -39.35 -11.61 13.27
N PRO A 155 -40.68 -11.38 13.18
CA PRO A 155 -41.24 -11.00 11.88
C PRO A 155 -40.68 -9.69 11.36
N SER A 156 -40.41 -8.75 12.27
CA SER A 156 -39.90 -7.45 11.88
C SER A 156 -38.53 -7.57 11.21
N ILE A 157 -37.64 -8.39 11.78
CA ILE A 157 -36.32 -8.56 11.18
C ILE A 157 -36.42 -9.28 9.85
N ILE A 158 -37.32 -10.27 9.75
CA ILE A 158 -37.49 -10.97 8.47
C ILE A 158 -37.93 -10.00 7.38
N ILE A 159 -38.93 -9.17 7.69
CA ILE A 159 -39.45 -8.22 6.72
C ILE A 159 -38.39 -7.18 6.38
N LEU A 160 -37.63 -6.73 7.37
CA LEU A 160 -36.51 -5.82 7.12
C LEU A 160 -35.58 -6.39 6.08
N ASN A 161 -35.14 -7.64 6.27
CA ASN A 161 -34.18 -8.22 5.33
C ASN A 161 -34.76 -8.35 3.93
N MET A 162 -36.01 -8.81 3.83
CA MET A 162 -36.61 -8.98 2.51
C MET A 162 -36.70 -7.65 1.76
N PHE A 163 -37.25 -6.62 2.42
CA PHE A 163 -37.42 -5.34 1.75
C PHE A 163 -36.08 -4.69 1.45
N ALA A 164 -35.07 -4.89 2.31
CA ALA A 164 -33.73 -4.38 2.03
C ALA A 164 -33.16 -5.04 0.79
N SER A 165 -33.37 -6.34 0.63
CA SER A 165 -32.92 -7.00 -0.60
C SER A 165 -33.57 -6.39 -1.82
N VAL A 166 -34.89 -6.16 -1.76
CA VAL A 166 -35.58 -5.61 -2.93
C VAL A 166 -35.05 -4.21 -3.26
N PHE A 167 -34.87 -3.37 -2.24
CA PHE A 167 -34.38 -2.02 -2.49
C PHE A 167 -32.96 -2.03 -3.04
N LEU A 168 -32.11 -2.92 -2.54
CA LEU A 168 -30.76 -3.02 -3.10
C LEU A 168 -30.79 -3.43 -4.56
N LEU A 169 -31.69 -4.35 -4.93
CA LEU A 169 -31.82 -4.73 -6.34
C LEU A 169 -32.21 -3.52 -7.19
N THR A 170 -33.20 -2.76 -6.74
CA THR A 170 -33.63 -1.59 -7.50
C THR A 170 -32.49 -0.57 -7.63
N ALA A 171 -31.74 -0.36 -6.55
CA ALA A 171 -30.63 0.58 -6.60
C ALA A 171 -29.53 0.11 -7.55
N ILE A 172 -29.27 -1.20 -7.59
CA ILE A 172 -28.30 -1.73 -8.53
C ILE A 172 -28.74 -1.45 -9.96
N SER A 173 -30.03 -1.67 -10.25
CA SER A 173 -30.53 -1.39 -11.60
C SER A 173 -30.40 0.09 -11.95
N LEU A 174 -30.74 0.97 -11.01
CA LEU A 174 -30.62 2.40 -11.26
C LEU A 174 -29.17 2.81 -11.50
N ASP A 175 -28.24 2.25 -10.74
CA ASP A 175 -26.83 2.53 -10.96
C ASP A 175 -26.39 2.08 -12.33
N ARG A 176 -26.82 0.89 -12.76
CA ARG A 176 -26.43 0.40 -14.08
C ARG A 176 -27.02 1.26 -15.19
N CYS A 177 -28.18 1.88 -14.95
CA CYS A 177 -28.73 2.80 -15.94
C CYS A 177 -27.97 4.11 -15.97
N LEU A 178 -27.61 4.64 -14.80
CA LEU A 178 -26.94 5.94 -14.74
C LEU A 178 -25.48 5.86 -15.19
N ILE A 179 -24.86 4.69 -15.07
CA ILE A 179 -23.50 4.51 -15.56
C ILE A 179 -23.43 4.60 -17.08
N VAL A 180 -24.57 4.54 -17.76
CA VAL A 180 -24.62 4.57 -19.21
C VAL A 180 -25.25 5.85 -19.73
N HIS A 181 -26.33 6.32 -19.09
CA HIS A 181 -27.03 7.49 -19.62
C HIS A 181 -26.15 8.74 -19.59
N LYS A 182 -25.39 8.93 -18.51
CA LYS A 182 -24.54 10.11 -18.34
C LYS A 182 -23.15 9.67 -17.89
N PRO A 183 -22.28 9.32 -18.83
CA PRO A 183 -20.96 8.81 -18.45
C PRO A 183 -20.08 9.80 -17.69
N ILE A 184 -20.20 11.10 -17.98
CA ILE A 184 -19.29 12.07 -17.38
C ILE A 184 -19.55 12.21 -15.88
N TRP A 185 -20.83 12.30 -15.49
CA TRP A 185 -21.16 12.43 -14.07
C TRP A 185 -20.69 11.22 -13.28
N CYS A 186 -20.61 10.06 -13.91
CA CYS A 186 -20.14 8.84 -13.25
C CYS A 186 -18.62 8.70 -13.29
N GLN A 187 -17.91 9.69 -13.81
CA GLN A 187 -16.46 9.69 -13.81
C GLN A 187 -15.86 10.60 -12.75
N ASN A 188 -16.57 11.66 -12.34
CA ASN A 188 -16.05 12.62 -11.39
C ASN A 188 -16.66 12.54 -10.00
N HIS A 189 -17.90 12.05 -9.88
CA HIS A 189 -18.60 12.06 -8.61
C HIS A 189 -19.06 10.65 -8.22
N ARG A 190 -18.21 9.65 -8.47
CA ARG A 190 -18.52 8.27 -8.11
C ARG A 190 -17.35 7.72 -7.30
N ASN A 191 -17.61 7.42 -6.02
CA ASN A 191 -16.57 6.94 -5.13
C ASN A 191 -17.20 5.95 -4.15
N VAL A 192 -16.36 5.44 -3.23
CA VAL A 192 -16.83 4.43 -2.29
C VAL A 192 -17.78 5.03 -1.26
N ARG A 193 -17.50 6.25 -0.80
CA ARG A 193 -18.34 6.86 0.23
C ARG A 193 -19.76 7.06 -0.25
N THR A 194 -19.94 7.45 -1.52
CA THR A 194 -21.29 7.61 -2.05
C THR A 194 -22.05 6.29 -2.02
N ALA A 195 -21.40 5.20 -2.43
CA ALA A 195 -22.07 3.90 -2.40
C ALA A 195 -22.42 3.49 -0.98
N PHE A 196 -21.51 3.73 -0.03
CA PHE A 196 -21.78 3.40 1.36
C PHE A 196 -22.95 4.21 1.89
N ALA A 197 -23.02 5.50 1.54
CA ALA A 197 -24.12 6.34 1.99
C ALA A 197 -25.45 5.87 1.41
N ILE A 198 -25.46 5.51 0.12
CA ILE A 198 -26.70 5.01 -0.47
C ILE A 198 -27.15 3.71 0.20
N CYS A 199 -26.20 2.82 0.48
CA CYS A 199 -26.54 1.57 1.15
C CYS A 199 -27.09 1.83 2.54
N GLY A 200 -26.49 2.78 3.28
CA GLY A 200 -26.99 3.11 4.59
C GLY A 200 -28.38 3.70 4.57
N CYS A 201 -28.65 4.57 3.58
CA CYS A 201 -29.99 5.12 3.43
C CYS A 201 -30.99 4.01 3.12
N VAL A 202 -30.61 3.06 2.27
CA VAL A 202 -31.50 1.95 1.95
C VAL A 202 -31.80 1.14 3.21
N TRP A 203 -30.78 0.86 4.01
CA TRP A 203 -30.97 0.07 5.22
C TRP A 203 -31.86 0.78 6.22
N VAL A 204 -31.65 2.09 6.41
CA VAL A 204 -32.50 2.82 7.37
C VAL A 204 -33.93 2.91 6.87
N VAL A 205 -34.12 3.04 5.54
CA VAL A 205 -35.48 3.02 5.00
C VAL A 205 -36.13 1.68 5.26
N ALA A 206 -35.38 0.59 5.10
CA ALA A 206 -35.93 -0.73 5.40
C ALA A 206 -36.30 -0.86 6.87
N PHE A 207 -35.47 -0.32 7.76
CA PHE A 207 -35.79 -0.37 9.19
C PHE A 207 -37.06 0.41 9.49
N VAL A 208 -37.22 1.60 8.88
CA VAL A 208 -38.43 2.39 9.08
C VAL A 208 -39.63 1.67 8.50
N MET A 209 -39.44 0.88 7.44
CA MET A 209 -40.54 0.14 6.85
C MET A 209 -40.93 -1.08 7.69
N CYS A 210 -39.99 -1.66 8.44
CA CYS A 210 -40.27 -2.84 9.22
C CYS A 210 -40.62 -2.54 10.67
N VAL A 211 -40.46 -1.31 11.14
CA VAL A 211 -40.84 -0.98 12.51
C VAL A 211 -42.34 -1.12 12.78
N PRO A 212 -43.27 -0.77 11.87
CA PRO A 212 -44.69 -0.78 12.27
C PRO A 212 -45.21 -2.14 12.70
N VAL A 213 -44.72 -3.24 12.11
CA VAL A 213 -45.13 -4.55 12.59
C VAL A 213 -44.64 -4.77 14.01
N PHE A 214 -43.42 -4.30 14.31
CA PHE A 214 -42.90 -4.37 15.67
C PHE A 214 -43.74 -3.53 16.64
N VAL A 215 -44.41 -2.50 16.12
CA VAL A 215 -45.18 -1.61 16.98
C VAL A 215 -46.38 -2.34 17.61
N TYR A 216 -46.98 -3.29 16.90
CA TYR A 216 -48.25 -3.86 17.33
C TYR A 216 -48.14 -5.37 17.51
N ARG A 217 -47.16 -5.82 18.29
CA ARG A 217 -46.99 -7.23 18.60
C ARG A 217 -47.44 -7.49 20.02
N ASP A 218 -48.32 -8.47 20.19
CA ASP A 218 -48.78 -8.89 21.50
C ASP A 218 -48.78 -10.40 21.58
N LEU A 219 -48.46 -10.92 22.77
CA LEU A 219 -48.38 -12.36 23.00
C LEU A 219 -49.69 -12.80 23.65
N PHE A 220 -50.68 -13.10 22.82
CA PHE A 220 -51.95 -13.63 23.28
C PHE A 220 -51.86 -15.15 23.41
N ILE A 221 -52.61 -15.69 24.36
CA ILE A 221 -52.65 -17.14 24.55
C ILE A 221 -54.08 -17.66 24.39
N MET A 222 -54.99 -17.24 25.28
CA MET A 222 -56.41 -17.56 25.19
C MET A 222 -56.69 -19.05 25.08
N ASP A 223 -55.69 -19.89 25.39
CA ASP A 223 -55.79 -21.33 25.19
C ASP A 223 -54.70 -22.00 26.02
N ASN A 224 -54.50 -23.30 25.79
CA ASN A 224 -53.51 -24.05 26.54
C ASN A 224 -52.08 -23.76 26.08
N ARG A 225 -51.91 -23.16 24.91
CA ARG A 225 -50.59 -22.87 24.36
C ARG A 225 -50.57 -21.46 23.79
N SER A 226 -49.37 -20.88 23.76
CA SER A 226 -49.22 -19.53 23.22
C SER A 226 -49.54 -19.51 21.73
N ILE A 227 -50.24 -18.46 21.31
CA ILE A 227 -50.88 -18.43 20.00
C ILE A 227 -50.55 -17.16 19.23
N CYS A 228 -49.30 -16.68 19.35
CA CYS A 228 -48.89 -15.35 18.87
C CYS A 228 -49.60 -14.95 17.57
N ARG A 229 -50.39 -13.87 17.63
CA ARG A 229 -51.23 -13.44 16.52
C ARG A 229 -50.82 -12.08 15.97
N TYR A 230 -50.86 -11.04 16.79
CA TYR A 230 -50.90 -9.67 16.29
C TYR A 230 -50.92 -8.67 17.45
N VAL A 378 -63.52 -4.21 7.95
CA VAL A 378 -62.15 -4.55 8.29
C VAL A 378 -61.42 -3.33 8.85
N PRO A 379 -60.50 -3.55 9.79
CA PRO A 379 -59.77 -2.43 10.38
C PRO A 379 -58.95 -1.68 9.34
N THR A 380 -58.84 -0.37 9.54
CA THR A 380 -58.08 0.49 8.64
C THR A 380 -56.56 0.35 8.75
N PRO A 381 -55.96 0.10 9.94
CA PRO A 381 -54.49 0.00 9.96
C PRO A 381 -53.96 -1.13 9.12
N LEU A 382 -54.68 -2.26 9.09
CA LEU A 382 -54.27 -3.37 8.25
C LEU A 382 -54.27 -2.98 6.77
N MET A 383 -55.32 -2.28 6.34
CA MET A 383 -55.38 -1.81 4.97
C MET A 383 -54.23 -0.86 4.66
N ALA A 384 -53.96 0.07 5.58
CA ALA A 384 -52.89 1.04 5.35
C ALA A 384 -51.54 0.35 5.20
N ILE A 385 -51.23 -0.56 6.13
CA ILE A 385 -49.92 -1.21 6.08
C ILE A 385 -49.81 -2.12 4.86
N THR A 386 -50.86 -2.87 4.54
CA THR A 386 -50.76 -3.77 3.39
C THR A 386 -50.64 -2.98 2.09
N ILE A 387 -51.35 -1.87 1.96
CA ILE A 387 -51.28 -1.09 0.73
C ILE A 387 -49.93 -0.41 0.60
N THR A 388 -49.40 0.15 1.70
CA THR A 388 -48.09 0.79 1.59
C THR A 388 -47.00 -0.22 1.30
N ARG A 389 -47.10 -1.42 1.89
CA ARG A 389 -46.12 -2.47 1.59
C ARG A 389 -46.22 -2.89 0.12
N LEU A 390 -47.45 -3.10 -0.36
CA LEU A 390 -47.64 -3.41 -1.77
C LEU A 390 -47.01 -2.35 -2.66
N VAL A 391 -47.30 -1.08 -2.40
CA VAL A 391 -46.78 -0.01 -3.24
C VAL A 391 -45.25 -0.03 -3.23
N VAL A 392 -44.65 0.19 -2.06
CA VAL A 392 -43.21 0.37 -1.99
C VAL A 392 -42.44 -0.91 -2.33
N GLY A 393 -43.08 -2.07 -2.32
CA GLY A 393 -42.37 -3.28 -2.65
C GLY A 393 -42.55 -3.74 -4.08
N PHE A 394 -43.66 -3.40 -4.71
CA PHE A 394 -43.98 -3.95 -6.02
C PHE A 394 -44.10 -2.89 -7.11
N LEU A 395 -44.68 -1.73 -6.82
CA LEU A 395 -44.93 -0.76 -7.88
C LEU A 395 -43.65 -0.02 -8.26
N VAL A 396 -43.03 0.66 -7.29
CA VAL A 396 -41.80 1.40 -7.58
C VAL A 396 -40.68 0.49 -8.07
N PRO A 397 -40.33 -0.61 -7.39
CA PRO A 397 -39.20 -1.42 -7.88
C PRO A 397 -39.40 -1.94 -9.29
N PHE A 398 -40.60 -2.44 -9.61
CA PHE A 398 -40.84 -3.01 -10.92
C PHE A 398 -40.68 -1.96 -12.02
N PHE A 399 -41.30 -0.79 -11.82
CA PHE A 399 -41.22 0.28 -12.81
C PHE A 399 -39.78 0.75 -12.99
N ILE A 400 -39.06 0.93 -11.89
CA ILE A 400 -37.67 1.38 -12.00
C ILE A 400 -36.83 0.36 -12.74
N MET A 401 -36.99 -0.92 -12.40
CA MET A 401 -36.21 -1.96 -13.07
C MET A 401 -36.49 -2.01 -14.56
N VAL A 402 -37.78 -1.98 -14.94
CA VAL A 402 -38.11 -2.09 -16.36
C VAL A 402 -37.64 -0.87 -17.12
N ILE A 403 -37.80 0.32 -16.56
CA ILE A 403 -37.35 1.54 -17.24
C ILE A 403 -35.84 1.51 -17.42
N CYS A 404 -35.11 1.19 -16.35
CA CYS A 404 -33.65 1.19 -16.42
C CYS A 404 -33.14 0.19 -17.45
N TYR A 405 -33.67 -1.03 -17.43
CA TYR A 405 -33.14 -2.03 -18.35
C TYR A 405 -33.60 -1.78 -19.79
N SER A 406 -34.81 -1.24 -19.97
CA SER A 406 -35.22 -0.85 -21.31
C SER A 406 -34.29 0.21 -21.88
N LEU A 407 -33.95 1.21 -21.07
CA LEU A 407 -33.03 2.24 -21.54
C LEU A 407 -31.65 1.67 -21.83
N ILE A 408 -31.17 0.77 -20.98
CA ILE A 408 -29.85 0.18 -21.19
C ILE A 408 -29.80 -0.61 -22.49
N VAL A 409 -30.82 -1.43 -22.74
CA VAL A 409 -30.86 -2.21 -23.97
C VAL A 409 -30.97 -1.29 -25.18
N PHE A 410 -31.83 -0.27 -25.10
CA PHE A 410 -32.01 0.66 -26.22
C PHE A 410 -30.70 1.38 -26.55
N ARG A 411 -29.95 1.77 -25.53
CA ARG A 411 -28.63 2.35 -25.77
C ARG A 411 -27.67 1.30 -26.34
N MET A 412 -27.84 0.04 -25.96
CA MET A 412 -26.97 -1.00 -26.49
C MET A 412 -27.26 -1.32 -27.96
N ARG A 413 -28.46 -0.99 -28.46
CA ARG A 413 -28.75 -1.25 -29.87
C ARG A 413 -28.24 -0.16 -30.81
N LYS A 414 -27.25 0.64 -30.40
CA LYS A 414 -26.84 1.78 -31.23
C LYS A 414 -25.67 1.44 -32.17
N THR A 415 -24.51 1.12 -31.60
CA THR A 415 -23.29 0.94 -32.38
C THR A 415 -22.20 0.40 -31.47
N ASN A 416 -21.32 -0.42 -32.05
CA ASN A 416 -20.15 -0.99 -31.37
C ASN A 416 -20.52 -1.95 -30.25
N PHE A 417 -21.75 -2.42 -30.21
CA PHE A 417 -22.22 -3.36 -29.20
C PHE A 417 -22.67 -4.67 -29.84
N THR A 418 -21.96 -5.10 -30.88
CA THR A 418 -22.30 -6.35 -31.54
C THR A 418 -22.01 -7.55 -30.65
N LYS A 419 -20.88 -7.56 -29.96
CA LYS A 419 -20.56 -8.65 -29.05
C LYS A 419 -21.57 -8.70 -27.91
N SER A 420 -21.95 -7.55 -27.38
CA SER A 420 -23.01 -7.46 -26.38
C SER A 420 -24.36 -7.51 -27.09
N ARG A 421 -25.43 -7.17 -26.38
CA ARG A 421 -26.82 -7.23 -26.81
C ARG A 421 -27.31 -8.67 -26.97
N ASN A 422 -26.43 -9.65 -26.79
CA ASN A 422 -26.82 -11.06 -26.74
C ASN A 422 -26.84 -11.58 -25.31
N LYS A 423 -25.76 -11.34 -24.55
CA LYS A 423 -25.76 -11.65 -23.13
C LYS A 423 -26.53 -10.62 -22.32
N THR A 424 -26.49 -9.36 -22.74
CA THR A 424 -27.14 -8.29 -21.99
C THR A 424 -28.66 -8.50 -21.94
N PHE A 425 -29.27 -8.73 -23.10
CA PHE A 425 -30.71 -8.92 -23.15
C PHE A 425 -31.14 -10.16 -22.38
N ARG A 426 -30.39 -11.25 -22.53
CA ARG A 426 -30.71 -12.48 -21.80
C ARG A 426 -30.64 -12.26 -20.29
N VAL A 427 -29.59 -11.59 -19.83
CA VAL A 427 -29.45 -11.33 -18.39
C VAL A 427 -30.59 -10.46 -17.90
N ALA A 428 -30.93 -9.41 -18.65
CA ALA A 428 -31.99 -8.51 -18.22
C ALA A 428 -33.32 -9.24 -18.10
N VAL A 429 -33.71 -9.99 -19.15
CA VAL A 429 -34.99 -10.67 -19.12
C VAL A 429 -35.01 -11.75 -18.05
N ALA A 430 -33.88 -12.45 -17.86
CA ALA A 430 -33.82 -13.48 -16.83
C ALA A 430 -34.03 -12.89 -15.45
N VAL A 431 -33.31 -11.80 -15.14
CA VAL A 431 -33.41 -11.21 -13.81
C VAL A 431 -34.82 -10.68 -13.56
N VAL A 432 -35.39 -9.98 -14.55
CA VAL A 432 -36.71 -9.40 -14.36
C VAL A 432 -37.76 -10.50 -14.21
N THR A 433 -37.67 -11.56 -15.01
CA THR A 433 -38.63 -12.65 -14.90
C THR A 433 -38.53 -13.35 -13.55
N VAL A 434 -37.29 -13.58 -13.08
CA VAL A 434 -37.12 -14.22 -11.77
C VAL A 434 -37.74 -13.36 -10.68
N PHE A 435 -37.49 -12.04 -10.73
CA PHE A 435 -38.06 -11.15 -9.72
C PHE A 435 -39.58 -11.21 -9.75
N PHE A 436 -40.16 -11.18 -10.95
CA PHE A 436 -41.63 -11.18 -11.07
C PHE A 436 -42.21 -12.48 -10.53
N ILE A 437 -41.63 -13.61 -10.93
CA ILE A 437 -42.12 -14.91 -10.46
C ILE A 437 -42.03 -14.99 -8.94
N CYS A 438 -40.93 -14.52 -8.37
CA CYS A 438 -40.75 -14.63 -6.93
C CYS A 438 -41.72 -13.74 -6.16
N TRP A 439 -41.95 -12.52 -6.64
CA TRP A 439 -42.64 -11.52 -5.81
C TRP A 439 -44.03 -11.15 -6.30
N THR A 440 -44.59 -11.86 -7.28
CA THR A 440 -45.98 -11.56 -7.64
C THR A 440 -47.00 -12.20 -6.68
N PRO A 441 -46.96 -13.53 -6.47
CA PRO A 441 -48.02 -14.14 -5.66
C PRO A 441 -48.12 -13.62 -4.24
N TYR A 442 -47.01 -13.18 -3.65
CA TYR A 442 -47.04 -12.72 -2.26
C TYR A 442 -47.93 -11.49 -2.13
N HIS A 443 -47.64 -10.44 -2.90
CA HIS A 443 -48.46 -9.24 -2.89
C HIS A 443 -49.88 -9.52 -3.39
N LEU A 444 -50.02 -10.41 -4.38
CA LEU A 444 -51.36 -10.73 -4.87
C LEU A 444 -52.23 -11.34 -3.78
N VAL A 445 -51.67 -12.29 -3.03
CA VAL A 445 -52.40 -12.88 -1.91
C VAL A 445 -52.67 -11.85 -0.83
N GLY A 446 -51.68 -11.00 -0.55
CA GLY A 446 -51.87 -9.98 0.47
C GLY A 446 -53.03 -9.07 0.17
N VAL A 447 -53.17 -8.64 -1.09
CA VAL A 447 -54.30 -7.78 -1.43
C VAL A 447 -55.59 -8.57 -1.50
N LEU A 448 -55.55 -9.79 -2.06
CA LEU A 448 -56.79 -10.54 -2.26
C LEU A 448 -57.42 -10.96 -0.94
N LEU A 449 -56.60 -11.36 0.04
CA LEU A 449 -57.15 -11.86 1.30
C LEU A 449 -57.86 -10.76 2.07
N LEU A 450 -57.22 -9.60 2.23
CA LEU A 450 -57.83 -8.53 2.99
C LEU A 450 -58.96 -7.85 2.23
N ILE A 451 -58.77 -7.62 0.93
CA ILE A 451 -59.77 -6.88 0.16
C ILE A 451 -61.09 -7.65 0.12
N THR A 452 -61.03 -8.93 -0.20
CA THR A 452 -62.23 -9.75 -0.32
C THR A 452 -62.50 -10.46 1.00
N ASP A 453 -63.78 -10.48 1.38
CA ASP A 453 -64.16 -11.02 2.68
C ASP A 453 -63.82 -12.51 2.76
N PRO A 454 -63.19 -12.98 3.84
CA PRO A 454 -62.79 -14.39 3.93
C PRO A 454 -63.94 -15.32 4.23
N GLU A 455 -63.64 -16.59 4.50
CA GLU A 455 -64.64 -17.64 4.70
C GLU A 455 -65.45 -17.88 3.43
N SER A 456 -64.74 -18.12 2.33
CA SER A 456 -65.35 -18.45 1.05
C SER A 456 -64.42 -19.40 0.31
N SER A 457 -64.90 -19.91 -0.82
CA SER A 457 -64.04 -20.71 -1.68
C SER A 457 -62.85 -19.88 -2.16
N LEU A 458 -63.08 -18.62 -2.49
CA LEU A 458 -61.98 -17.69 -2.75
C LEU A 458 -61.22 -17.39 -1.46
N GLY A 459 -61.93 -17.31 -0.33
CA GLY A 459 -61.24 -17.08 0.94
C GLY A 459 -60.29 -18.21 1.30
N GLU A 460 -60.75 -19.45 1.16
CA GLU A 460 -59.85 -20.59 1.35
C GLU A 460 -58.78 -20.61 0.28
N ALA A 461 -59.13 -20.27 -0.96
CA ALA A 461 -58.19 -20.26 -2.07
C ALA A 461 -57.14 -19.17 -1.95
N VAL A 462 -57.32 -18.21 -1.07
CA VAL A 462 -56.29 -17.23 -0.75
C VAL A 462 -55.64 -17.51 0.61
N MET A 463 -56.27 -18.32 1.46
CA MET A 463 -55.66 -18.68 2.74
C MET A 463 -54.64 -19.80 2.57
N SER A 464 -55.00 -20.85 1.81
CA SER A 464 -54.21 -22.07 1.78
C SER A 464 -52.81 -21.82 1.22
N TRP A 465 -52.72 -21.14 0.09
CA TRP A 465 -51.43 -20.86 -0.54
C TRP A 465 -50.60 -19.81 0.20
N ASP A 466 -51.15 -19.13 1.20
CA ASP A 466 -50.34 -18.19 1.97
C ASP A 466 -49.19 -18.89 2.67
N HIS A 467 -49.45 -20.05 3.28
CA HIS A 467 -48.38 -20.80 3.91
C HIS A 467 -47.34 -21.30 2.91
N MET A 468 -47.71 -21.41 1.63
CA MET A 468 -46.81 -21.88 0.59
C MET A 468 -46.50 -20.80 -0.44
N SER A 469 -46.64 -19.53 -0.07
CA SER A 469 -46.33 -18.41 -0.94
C SER A 469 -45.03 -17.70 -0.57
N ILE A 470 -44.79 -17.49 0.73
CA ILE A 470 -43.53 -16.90 1.17
C ILE A 470 -42.36 -17.85 0.89
N ALA A 471 -42.66 -19.11 0.60
CA ALA A 471 -41.63 -20.07 0.21
C ALA A 471 -40.81 -19.55 -0.97
N LEU A 472 -41.50 -19.10 -2.03
CA LEU A 472 -40.80 -18.62 -3.21
C LEU A 472 -40.11 -17.29 -2.95
N ALA A 473 -40.70 -16.42 -2.13
CA ALA A 473 -40.05 -15.17 -1.78
C ALA A 473 -38.74 -15.42 -1.04
N SER A 474 -38.73 -16.41 -0.15
CA SER A 474 -37.50 -16.75 0.55
C SER A 474 -36.51 -17.47 -0.36
N ALA A 475 -37.01 -18.26 -1.32
CA ALA A 475 -36.11 -18.89 -2.29
C ALA A 475 -35.47 -17.86 -3.21
N ASN A 476 -36.12 -16.71 -3.40
CA ASN A 476 -35.49 -15.61 -4.12
C ASN A 476 -34.17 -15.22 -3.50
N SER A 477 -34.08 -15.32 -2.16
CA SER A 477 -32.85 -14.95 -1.47
C SER A 477 -31.69 -15.83 -1.88
N CYS A 478 -31.92 -17.14 -2.04
CA CYS A 478 -30.86 -18.03 -2.48
C CYS A 478 -30.66 -17.98 -3.99
N PHE A 479 -31.68 -17.58 -4.75
CA PHE A 479 -31.50 -17.44 -6.19
C PHE A 479 -30.71 -16.19 -6.57
N ASN A 480 -30.78 -15.15 -5.74
CA ASN A 480 -30.13 -13.88 -6.09
C ASN A 480 -28.62 -13.99 -6.26
N PRO A 481 -27.86 -14.66 -5.37
CA PRO A 481 -26.40 -14.68 -5.55
C PRO A 481 -25.97 -15.33 -6.86
N PHE A 482 -26.72 -16.31 -7.36
CA PHE A 482 -26.35 -16.95 -8.62
C PHE A 482 -26.63 -16.04 -9.81
N LEU A 483 -27.69 -15.25 -9.74
CA LEU A 483 -28.06 -14.39 -10.86
C LEU A 483 -27.30 -13.08 -10.88
N TYR A 484 -26.84 -12.61 -9.72
CA TYR A 484 -26.18 -11.31 -9.64
C TYR A 484 -24.69 -11.42 -9.35
N ALA A 485 -24.31 -12.07 -8.24
CA ALA A 485 -22.91 -12.11 -7.84
C ALA A 485 -22.11 -13.08 -8.70
N LEU A 486 -22.67 -14.24 -9.01
CA LEU A 486 -21.94 -15.28 -9.72
C LEU A 486 -21.86 -15.05 -11.23
N LEU A 487 -22.51 -14.02 -11.74
CA LEU A 487 -22.47 -13.76 -13.18
C LEU A 487 -21.08 -13.40 -13.65
N GLY A 488 -20.36 -12.60 -12.87
CA GLY A 488 -19.02 -12.15 -13.25
C GLY A 488 -18.03 -13.28 -13.46
N LYS A 489 -17.35 -13.27 -14.60
CA LYS A 489 -16.36 -14.30 -14.90
C LYS A 489 -15.16 -14.22 -13.96
N ASP A 490 -14.72 -12.99 -13.64
CA ASP A 490 -13.60 -12.84 -12.72
C ASP A 490 -13.94 -13.38 -11.34
N PHE A 491 -15.17 -13.12 -10.87
CA PHE A 491 -15.60 -13.69 -9.60
C PHE A 491 -15.66 -15.20 -9.66
N ARG A 492 -16.09 -15.75 -10.79
CA ARG A 492 -16.11 -17.21 -10.94
C ARG A 492 -14.69 -17.78 -10.84
N LYS A 493 -13.72 -17.14 -11.50
CA LYS A 493 -12.34 -17.61 -11.43
C LYS A 493 -11.80 -17.50 -10.01
N LYS A 494 -12.10 -16.39 -9.32
CA LYS A 494 -11.63 -16.23 -7.95
C LYS A 494 -12.23 -17.29 -7.03
N ALA A 495 -13.52 -17.56 -7.19
CA ALA A 495 -14.17 -18.59 -6.36
C ALA A 495 -13.60 -19.97 -6.64
N ARG A 496 -13.37 -20.28 -7.91
CA ARG A 496 -12.79 -21.58 -8.25
C ARG A 496 -11.40 -21.72 -7.65
N GLN A 497 -10.59 -20.66 -7.73
CA GLN A 497 -9.25 -20.72 -7.16
C GLN A 497 -9.29 -20.86 -5.65
N SER A 498 -10.18 -20.12 -4.98
CA SER A 498 -10.25 -20.15 -3.53
C SER A 498 -10.91 -21.41 -2.98
N ILE A 499 -11.67 -22.14 -3.82
CA ILE A 499 -12.30 -23.37 -3.35
C ILE A 499 -11.24 -24.42 -3.00
N LYS A 500 -10.07 -24.35 -3.63
CA LYS A 500 -9.00 -25.31 -3.36
C LYS A 500 -8.25 -25.03 -2.07
N GLY A 501 -8.50 -23.90 -1.42
CA GLY A 501 -7.82 -23.56 -0.20
C GLY A 501 -8.38 -24.27 1.02
N SER B 18 1.25 1.97 27.69
CA SER B 18 0.48 3.02 27.07
C SER B 18 0.65 4.34 27.80
N ALA B 19 1.91 4.76 27.97
CA ALA B 19 2.20 6.01 28.65
C ALA B 19 2.05 7.20 27.70
N GLU B 20 2.85 7.21 26.63
CA GLU B 20 2.74 8.24 25.60
C GLU B 20 2.63 7.63 24.20
N GLU B 21 2.39 6.33 24.10
CA GLU B 21 2.17 5.72 22.79
C GLU B 21 0.84 6.14 22.18
N ARG B 22 -0.05 6.72 22.98
CA ARG B 22 -1.32 7.21 22.45
C ARG B 22 -1.10 8.34 21.45
N ALA B 23 -0.13 9.21 21.71
CA ALA B 23 0.20 10.28 20.77
C ALA B 23 0.70 9.73 19.45
N ALA B 24 1.59 8.72 19.51
CA ALA B 24 2.07 8.10 18.29
C ALA B 24 0.94 7.43 17.52
N LEU B 25 0.03 6.76 18.23
CA LEU B 25 -1.11 6.14 17.58
C LEU B 25 -1.99 7.18 16.89
N GLU B 26 -2.22 8.32 17.56
CA GLU B 26 -3.01 9.39 16.95
C GLU B 26 -2.33 9.92 15.70
N ARG B 27 -1.01 10.12 15.75
CA ARG B 27 -0.29 10.60 14.58
C ARG B 27 -0.41 9.61 13.42
N SER B 28 -0.26 8.31 13.72
CA SER B 28 -0.38 7.31 12.68
C SER B 28 -1.78 7.30 12.06
N LYS B 29 -2.81 7.40 12.88
CA LYS B 29 -4.17 7.43 12.35
C LYS B 29 -4.40 8.66 11.48
N ALA B 30 -3.88 9.82 11.91
CA ALA B 30 -4.07 11.03 11.12
C ALA B 30 -3.40 10.92 9.76
N ILE B 31 -2.16 10.42 9.73
CA ILE B 31 -1.49 10.35 8.43
C ILE B 31 -2.11 9.26 7.56
N GLU B 32 -2.64 8.19 8.15
CA GLU B 32 -3.36 7.20 7.35
C GLU B 32 -4.61 7.81 6.71
N LYS B 33 -5.34 8.62 7.48
CA LYS B 33 -6.52 9.28 6.92
C LYS B 33 -6.13 10.22 5.78
N ASN B 34 -5.06 10.98 5.96
CA ASN B 34 -4.60 11.87 4.89
C ASN B 34 -4.20 11.09 3.65
N LEU B 35 -3.49 9.97 3.84
CA LEU B 35 -3.11 9.12 2.70
C LEU B 35 -4.33 8.65 1.94
N LYS B 36 -5.34 8.15 2.65
CA LYS B 36 -6.54 7.67 1.97
C LYS B 36 -7.25 8.79 1.22
N GLU B 37 -7.36 9.97 1.84
CA GLU B 37 -8.05 11.08 1.20
C GLU B 37 -7.33 11.50 -0.09
N ASP B 38 -6.00 11.62 -0.02
CA ASP B 38 -5.25 12.00 -1.22
C ASP B 38 -5.35 10.94 -2.30
N GLY B 39 -5.26 9.66 -1.92
CA GLY B 39 -5.37 8.60 -2.91
C GLY B 39 -6.70 8.58 -3.63
N ILE B 40 -7.79 8.82 -2.90
CA ILE B 40 -9.09 8.88 -3.55
C ILE B 40 -9.20 10.12 -4.42
N SER B 41 -8.72 11.27 -3.93
CA SER B 41 -8.84 12.50 -4.68
C SER B 41 -8.00 12.51 -5.96
N ALA B 42 -6.97 11.67 -6.04
CA ALA B 42 -6.07 11.69 -7.18
C ALA B 42 -6.37 10.61 -8.22
N ALA B 43 -7.50 9.92 -8.10
CA ALA B 43 -7.82 8.80 -8.98
C ALA B 43 -8.83 9.14 -10.07
N LYS B 44 -9.21 10.41 -10.21
CA LYS B 44 -10.23 10.79 -11.18
C LYS B 44 -9.67 11.15 -12.55
N ASP B 45 -8.35 11.26 -12.68
CA ASP B 45 -7.76 11.61 -13.97
C ASP B 45 -7.82 10.43 -14.93
N VAL B 46 -7.74 10.75 -16.22
CA VAL B 46 -7.75 9.75 -17.29
C VAL B 46 -6.34 9.68 -17.86
N LYS B 47 -5.72 8.51 -17.75
CA LYS B 47 -4.38 8.32 -18.29
C LYS B 47 -4.45 8.01 -19.78
N LEU B 48 -3.29 8.14 -20.44
CA LEU B 48 -3.13 7.78 -21.84
C LEU B 48 -1.67 7.40 -22.05
N LEU B 49 -1.29 7.21 -23.31
CA LEU B 49 0.08 6.87 -23.65
C LEU B 49 0.27 7.11 -25.14
N LEU B 50 1.48 7.49 -25.52
CA LEU B 50 1.80 7.79 -26.91
C LEU B 50 2.92 6.88 -27.39
N LEU B 51 2.70 6.21 -28.52
CA LEU B 51 3.69 5.34 -29.12
C LEU B 51 3.74 5.61 -30.62
N GLY B 52 4.86 5.30 -31.24
CA GLY B 52 5.01 5.47 -32.66
C GLY B 52 6.48 5.54 -33.05
N ALA B 53 6.70 5.86 -34.31
CA ALA B 53 8.04 5.99 -34.85
C ALA B 53 8.60 7.39 -34.54
N ASP B 54 9.86 7.60 -34.92
CA ASP B 54 10.51 8.88 -34.68
C ASP B 54 9.99 9.93 -35.67
N ASN B 55 9.41 11.01 -35.13
CA ASN B 55 8.87 12.10 -35.95
C ASN B 55 7.85 11.57 -36.97
N SER B 56 6.96 10.70 -36.51
CA SER B 56 5.94 10.11 -37.35
C SER B 56 4.57 10.76 -37.17
N GLY B 57 4.53 11.93 -36.54
CA GLY B 57 3.28 12.63 -36.28
C GLY B 57 3.02 12.92 -34.82
N LYS B 58 3.84 12.39 -33.90
CA LYS B 58 3.68 12.71 -32.49
C LYS B 58 3.93 14.20 -32.23
N SER B 59 4.92 14.78 -32.92
CA SER B 59 5.25 16.19 -32.70
C SER B 59 4.09 17.09 -33.08
N THR B 60 3.44 16.82 -34.21
CA THR B 60 2.35 17.67 -34.67
C THR B 60 1.20 17.66 -33.68
N ILE B 61 0.81 16.48 -33.19
CA ILE B 61 -0.32 16.41 -32.26
C ILE B 61 0.06 17.00 -30.91
N VAL B 62 1.28 16.77 -30.43
CA VAL B 62 1.65 17.29 -29.13
C VAL B 62 1.84 18.80 -29.19
N LYS B 63 2.11 19.37 -30.36
CA LYS B 63 2.19 20.81 -30.50
C LYS B 63 0.83 21.44 -30.77
N GLN B 64 -0.11 20.68 -31.35
CA GLN B 64 -1.43 21.24 -31.64
C GLN B 64 -2.15 21.63 -30.36
N MET B 65 -2.12 20.76 -29.34
CA MET B 65 -2.75 21.07 -28.07
C MET B 65 -1.80 21.78 -27.10
N LYS B 66 -0.55 22.00 -27.50
CA LYS B 66 0.41 22.79 -26.72
C LYS B 66 0.60 22.21 -25.31
N ILE B 67 1.07 23.04 -24.39
CA ILE B 67 1.30 22.66 -23.00
C ILE B 67 2.24 21.46 -22.91
N THR B 79 16.05 13.34 -19.79
CA THR B 79 15.09 12.93 -20.83
C THR B 79 14.31 11.70 -20.39
N GLY B 80 13.39 11.89 -19.45
CA GLY B 80 12.58 10.80 -18.97
C GLY B 80 11.14 10.90 -19.40
N ILE B 81 10.21 10.70 -18.47
CA ILE B 81 8.79 10.76 -18.76
C ILE B 81 8.37 12.22 -18.88
N VAL B 82 7.67 12.55 -19.95
CA VAL B 82 7.14 13.89 -20.19
C VAL B 82 5.62 13.81 -20.07
N GLU B 83 5.06 14.59 -19.15
CA GLU B 83 3.64 14.51 -18.83
C GLU B 83 2.95 15.82 -19.14
N THR B 84 1.72 15.73 -19.65
CA THR B 84 0.88 16.88 -19.95
C THR B 84 -0.52 16.59 -19.45
N HIS B 85 -1.18 17.61 -18.90
CA HIS B 85 -2.56 17.47 -18.43
C HIS B 85 -3.35 18.71 -18.81
N PHE B 86 -4.43 18.50 -19.56
CA PHE B 86 -5.32 19.57 -19.97
C PHE B 86 -6.76 19.13 -19.78
N THR B 87 -7.59 20.03 -19.27
CA THR B 87 -8.98 19.73 -18.95
C THR B 87 -9.87 20.11 -20.13
N PHE B 88 -10.57 19.12 -20.66
CA PHE B 88 -11.44 19.30 -21.83
C PHE B 88 -12.80 18.70 -21.53
N LYS B 89 -13.85 19.51 -21.67
CA LYS B 89 -15.23 19.07 -21.43
C LYS B 89 -15.37 18.39 -20.07
N ASN B 90 -14.76 19.02 -19.06
CA ASN B 90 -14.80 18.57 -17.67
C ASN B 90 -14.08 17.24 -17.44
N LEU B 91 -13.25 16.81 -18.39
CA LEU B 91 -12.46 15.60 -18.23
C LEU B 91 -10.98 15.97 -18.23
N HIS B 92 -10.24 15.46 -17.24
CA HIS B 92 -8.83 15.76 -17.09
C HIS B 92 -8.01 14.66 -17.76
N PHE B 93 -7.43 14.96 -18.92
CA PHE B 93 -6.64 14.00 -19.67
C PHE B 93 -5.17 14.17 -19.35
N ARG B 94 -4.53 13.10 -18.91
CA ARG B 94 -3.09 13.06 -18.69
C ARG B 94 -2.45 12.30 -19.84
N LEU B 95 -1.39 12.85 -20.41
CA LEU B 95 -0.72 12.26 -21.56
C LEU B 95 0.75 12.04 -21.22
N PHE B 96 1.25 10.84 -21.51
CA PHE B 96 2.64 10.50 -21.29
C PHE B 96 3.34 10.26 -22.61
N ASP B 97 4.65 10.48 -22.63
CA ASP B 97 5.50 10.16 -23.76
C ASP B 97 6.77 9.51 -23.25
N VAL B 98 7.20 8.43 -23.90
CA VAL B 98 8.33 7.64 -23.42
C VAL B 98 9.33 7.46 -24.54
N GLY B 99 9.26 8.33 -25.56
CA GLY B 99 10.15 8.21 -26.70
C GLY B 99 11.62 8.44 -26.37
N GLY B 100 11.90 9.04 -25.22
CA GLY B 100 13.26 9.31 -24.81
C GLY B 100 13.99 8.17 -24.14
N GLN B 101 13.36 7.01 -24.01
CA GLN B 101 13.97 5.84 -23.37
C GLN B 101 14.52 4.93 -24.47
N ARG B 102 15.84 4.95 -24.63
CA ARG B 102 16.51 4.14 -25.66
C ARG B 102 17.01 2.84 -25.03
N SER B 103 16.06 1.99 -24.68
CA SER B 103 16.36 0.69 -24.08
C SER B 103 15.30 -0.30 -24.50
N GLU B 104 15.46 -1.55 -24.07
CA GLU B 104 14.49 -2.58 -24.38
C GLU B 104 13.15 -2.26 -23.75
N ARG B 105 12.07 -2.48 -24.51
CA ARG B 105 10.73 -2.13 -24.05
C ARG B 105 10.17 -3.11 -23.03
N LYS B 106 10.72 -4.33 -22.94
CA LYS B 106 10.17 -5.32 -22.04
C LYS B 106 10.55 -5.08 -20.59
N LYS B 107 11.38 -4.08 -20.30
CA LYS B 107 11.83 -3.81 -18.94
C LYS B 107 11.09 -2.68 -18.25
N TRP B 108 10.27 -1.91 -18.97
CA TRP B 108 9.50 -0.85 -18.34
C TRP B 108 8.05 -0.78 -18.84
N ILE B 109 7.65 -1.61 -19.79
CA ILE B 109 6.29 -1.53 -20.31
C ILE B 109 5.27 -2.04 -19.31
N HIS B 110 5.69 -2.84 -18.34
CA HIS B 110 4.74 -3.35 -17.34
C HIS B 110 4.31 -2.28 -16.35
N CYS B 111 4.99 -1.13 -16.31
CA CYS B 111 4.60 -0.06 -15.41
C CYS B 111 3.30 0.61 -15.86
N PHE B 112 2.99 0.55 -17.15
CA PHE B 112 1.81 1.22 -17.73
C PHE B 112 0.65 0.26 -17.92
N GLU B 113 0.47 -0.69 -17.00
CA GLU B 113 -0.58 -1.70 -17.19
C GLU B 113 -1.98 -1.09 -17.05
N ASP B 114 -2.13 -0.04 -16.24
CA ASP B 114 -3.45 0.46 -15.87
C ASP B 114 -3.91 1.66 -16.69
N VAL B 115 -3.23 1.96 -17.80
CA VAL B 115 -3.64 3.10 -18.62
C VAL B 115 -5.01 2.83 -19.24
N THR B 116 -5.80 3.89 -19.37
CA THR B 116 -7.18 3.74 -19.85
C THR B 116 -7.22 3.46 -21.35
N ALA B 117 -6.24 3.93 -22.10
CA ALA B 117 -6.17 3.68 -23.53
C ALA B 117 -4.71 3.79 -23.97
N ILE B 118 -4.47 3.57 -25.25
CA ILE B 118 -3.17 3.79 -25.86
C ILE B 118 -3.38 4.46 -27.21
N ILE B 119 -2.64 5.53 -27.46
CA ILE B 119 -2.73 6.30 -28.70
C ILE B 119 -1.52 5.96 -29.54
N PHE B 120 -1.76 5.57 -30.79
CA PHE B 120 -0.70 5.17 -31.70
C PHE B 120 -0.77 6.05 -32.94
N CYS B 121 0.37 6.53 -33.41
CA CYS B 121 0.42 7.48 -34.51
C CYS B 121 1.32 6.92 -35.62
N VAL B 122 0.83 6.96 -36.85
CA VAL B 122 1.57 6.47 -38.00
C VAL B 122 1.48 7.51 -39.12
N ASP B 123 2.56 7.62 -39.89
CA ASP B 123 2.65 8.55 -41.01
C ASP B 123 2.79 7.77 -42.30
N LEU B 124 2.08 8.24 -43.34
CA LEU B 124 2.09 7.57 -44.64
C LEU B 124 3.18 8.10 -45.56
N SER B 125 4.26 8.67 -45.00
CA SER B 125 5.35 9.16 -45.83
C SER B 125 6.18 8.01 -46.39
N ASP B 126 6.45 7.00 -45.58
CA ASP B 126 7.26 5.86 -46.01
C ASP B 126 6.48 4.98 -46.99
N HIS B 141 6.61 -2.06 -42.80
CA HIS B 141 7.04 -3.06 -41.83
C HIS B 141 7.58 -2.40 -40.57
N GLU B 142 8.06 -1.16 -40.71
CA GLU B 142 8.61 -0.45 -39.57
C GLU B 142 7.55 -0.16 -38.51
N SER B 143 6.36 0.23 -38.92
CA SER B 143 5.29 0.56 -37.98
C SER B 143 4.33 -0.60 -37.75
N LEU B 144 4.14 -1.49 -38.72
CA LEU B 144 3.24 -2.61 -38.54
C LEU B 144 3.80 -3.64 -37.58
N MET B 145 5.13 -3.84 -37.59
CA MET B 145 5.74 -4.78 -36.66
C MET B 145 5.54 -4.36 -35.22
N LEU B 146 5.74 -3.08 -34.92
CA LEU B 146 5.57 -2.61 -33.54
C LEU B 146 4.11 -2.66 -33.13
N PHE B 147 3.19 -2.35 -34.07
CA PHE B 147 1.77 -2.46 -33.76
C PHE B 147 1.38 -3.89 -33.44
N ASP B 148 1.89 -4.85 -34.23
CA ASP B 148 1.62 -6.26 -33.95
C ASP B 148 2.22 -6.68 -32.62
N SER B 149 3.42 -6.18 -32.30
CA SER B 149 4.05 -6.51 -31.02
C SER B 149 3.23 -5.98 -29.85
N ILE B 150 2.73 -4.76 -29.96
CA ILE B 150 2.00 -4.17 -28.84
C ILE B 150 0.58 -4.74 -28.73
N CYS B 151 -0.01 -5.17 -29.85
CA CYS B 151 -1.34 -5.74 -29.79
C CYS B 151 -1.35 -7.11 -29.13
N ASN B 152 -0.30 -7.90 -29.34
CA ASN B 152 -0.21 -9.26 -28.82
C ASN B 152 0.46 -9.35 -27.46
N ASN B 153 0.83 -8.22 -26.86
CA ASN B 153 1.48 -8.24 -25.56
C ASN B 153 0.53 -8.77 -24.49
N LYS B 154 1.10 -9.51 -23.54
CA LYS B 154 0.27 -10.11 -22.49
C LYS B 154 -0.37 -9.06 -21.60
N PHE B 155 0.36 -7.99 -21.27
CA PHE B 155 -0.15 -6.99 -20.35
C PHE B 155 -1.20 -6.08 -20.97
N PHE B 156 -1.39 -6.12 -22.30
CA PHE B 156 -2.28 -5.19 -22.96
C PHE B 156 -3.40 -5.92 -23.71
N ILE B 157 -4.03 -6.90 -23.05
CA ILE B 157 -5.10 -7.66 -23.70
C ILE B 157 -6.46 -7.00 -23.58
N ASP B 158 -6.55 -5.85 -22.92
CA ASP B 158 -7.82 -5.18 -22.73
C ASP B 158 -7.81 -3.69 -23.03
N THR B 159 -6.64 -3.07 -23.20
CA THR B 159 -6.55 -1.64 -23.47
C THR B 159 -6.65 -1.40 -24.97
N SER B 160 -7.64 -0.61 -25.38
CA SER B 160 -7.86 -0.33 -26.79
C SER B 160 -6.77 0.59 -27.34
N ILE B 161 -6.61 0.56 -28.65
CA ILE B 161 -5.64 1.38 -29.35
C ILE B 161 -6.38 2.29 -30.33
N ILE B 162 -6.15 3.60 -30.21
CA ILE B 162 -6.70 4.56 -31.15
C ILE B 162 -5.64 4.86 -32.20
N LEU B 163 -6.03 4.75 -33.47
CA LEU B 163 -5.09 4.80 -34.58
C LEU B 163 -5.23 6.12 -35.33
N PHE B 164 -4.10 6.80 -35.54
CA PHE B 164 -4.07 8.05 -36.28
C PHE B 164 -3.15 7.91 -37.49
N LEU B 165 -3.58 8.45 -38.62
CA LEU B 165 -2.83 8.42 -39.86
C LEU B 165 -2.48 9.85 -40.27
N ASN B 166 -1.28 10.04 -40.82
CA ASN B 166 -0.77 11.37 -41.13
C ASN B 166 -0.20 11.41 -42.54
N LYS B 167 -0.20 12.61 -43.12
CA LYS B 167 0.33 12.88 -44.46
C LYS B 167 -0.45 12.11 -45.53
N LYS B 168 -1.76 12.35 -45.56
CA LYS B 168 -2.60 11.71 -46.56
C LYS B 168 -2.35 12.26 -47.96
N ASP B 169 -2.33 13.59 -48.09
CA ASP B 169 -2.03 14.20 -49.38
C ASP B 169 -0.60 13.91 -49.81
N LEU B 170 0.32 13.86 -48.86
CA LEU B 170 1.68 13.45 -49.18
C LEU B 170 1.72 12.00 -49.67
N PHE B 171 0.87 11.14 -49.09
CA PHE B 171 0.75 9.78 -49.58
C PHE B 171 0.24 9.75 -51.01
N GLY B 172 -0.74 10.59 -51.34
CA GLY B 172 -1.21 10.67 -52.71
C GLY B 172 -0.14 11.15 -53.66
N GLU B 173 0.63 12.15 -53.25
CA GLU B 173 1.73 12.65 -54.08
C GLU B 173 2.77 11.57 -54.30
N LYS B 174 3.10 10.80 -53.26
CA LYS B 174 4.07 9.72 -53.40
C LYS B 174 3.54 8.63 -54.34
N ILE B 175 2.24 8.32 -54.24
CA ILE B 175 1.64 7.36 -55.16
C ILE B 175 1.76 7.85 -56.60
N LYS B 176 1.48 9.14 -56.82
CA LYS B 176 1.60 9.71 -58.16
C LYS B 176 3.04 9.63 -58.65
N LYS B 177 4.01 9.90 -57.78
CA LYS B 177 5.41 9.79 -58.14
C LYS B 177 5.91 8.36 -57.96
N LEU B 180 3.04 2.49 -55.37
CA LEU B 180 2.95 2.22 -53.94
C LEU B 180 3.18 0.76 -53.63
N THR B 181 3.54 -0.01 -54.68
CA THR B 181 3.74 -1.44 -54.52
C THR B 181 5.14 -1.80 -54.03
N ILE B 182 6.04 -0.82 -53.91
CA ILE B 182 7.37 -1.11 -53.36
C ILE B 182 7.27 -1.40 -51.86
N CYS B 183 6.51 -0.57 -51.13
CA CYS B 183 6.29 -0.83 -49.72
C CYS B 183 5.45 -2.09 -49.48
N PHE B 184 4.63 -2.48 -50.46
CA PHE B 184 3.80 -3.67 -50.38
C PHE B 184 4.01 -4.50 -51.63
N PRO B 185 5.10 -5.27 -51.69
CA PRO B 185 5.33 -6.14 -52.86
C PRO B 185 4.23 -7.17 -53.05
N GLU B 186 3.57 -7.60 -51.98
CA GLU B 186 2.48 -8.56 -52.07
C GLU B 186 1.14 -7.90 -52.41
N TYR B 187 1.11 -6.58 -52.56
CA TYR B 187 -0.11 -5.87 -52.95
C TYR B 187 -0.62 -6.36 -54.30
N THR B 188 -1.80 -6.98 -54.30
CA THR B 188 -2.45 -7.45 -55.52
C THR B 188 -3.62 -6.52 -55.81
N GLY B 189 -3.34 -5.42 -56.51
CA GLY B 189 -4.36 -4.46 -56.85
C GLY B 189 -3.82 -3.26 -57.59
N PRO B 190 -4.70 -2.36 -58.01
CA PRO B 190 -4.27 -1.17 -58.74
C PRO B 190 -3.53 -0.19 -57.83
N ASN B 191 -2.68 0.62 -58.46
CA ASN B 191 -1.93 1.66 -57.76
C ASN B 191 -2.72 2.97 -57.80
N THR B 192 -3.78 3.01 -57.01
CA THR B 192 -4.60 4.19 -56.87
C THR B 192 -4.74 4.54 -55.39
N TYR B 193 -4.96 5.83 -55.11
CA TYR B 193 -4.91 6.33 -53.75
C TYR B 193 -5.93 5.64 -52.84
N GLU B 194 -7.18 5.60 -53.27
CA GLU B 194 -8.24 5.07 -52.42
C GLU B 194 -7.99 3.61 -52.08
N ASP B 195 -7.72 2.78 -53.10
CA ASP B 195 -7.54 1.35 -52.87
C ASP B 195 -6.30 1.07 -52.03
N ALA B 196 -5.20 1.78 -52.31
CA ALA B 196 -3.97 1.57 -51.54
C ALA B 196 -4.18 1.94 -50.08
N ALA B 197 -4.77 3.11 -49.82
CA ALA B 197 -5.01 3.52 -48.44
C ALA B 197 -5.94 2.55 -47.73
N ALA B 198 -7.00 2.12 -48.41
CA ALA B 198 -7.95 1.18 -47.79
C ALA B 198 -7.28 -0.15 -47.47
N TYR B 199 -6.43 -0.64 -48.38
CA TYR B 199 -5.78 -1.92 -48.15
C TYR B 199 -4.76 -1.82 -47.01
N ILE B 200 -4.05 -0.70 -46.92
CA ILE B 200 -3.13 -0.51 -45.79
C ILE B 200 -3.89 -0.44 -44.48
N GLN B 201 -5.04 0.23 -44.48
CA GLN B 201 -5.89 0.27 -43.28
C GLN B 201 -6.36 -1.14 -42.91
N ALA B 202 -6.76 -1.92 -43.90
CA ALA B 202 -7.17 -3.31 -43.65
C ALA B 202 -6.00 -4.12 -43.10
N GLN B 203 -4.79 -3.86 -43.57
CA GLN B 203 -3.62 -4.53 -43.02
C GLN B 203 -3.40 -4.16 -41.57
N PHE B 204 -3.61 -2.89 -41.23
CA PHE B 204 -3.59 -2.50 -39.82
C PHE B 204 -4.61 -3.29 -39.02
N GLU B 205 -5.83 -3.40 -39.54
CA GLU B 205 -6.89 -4.10 -38.81
C GLU B 205 -6.66 -5.60 -38.72
N SER B 206 -5.89 -6.18 -39.65
CA SER B 206 -5.72 -7.62 -39.68
C SER B 206 -4.85 -8.14 -38.55
N LYS B 207 -3.93 -7.31 -38.04
CA LYS B 207 -3.00 -7.78 -37.01
C LYS B 207 -3.68 -8.08 -35.69
N ASN B 208 -4.90 -7.58 -35.48
CA ASN B 208 -5.61 -7.82 -34.24
C ASN B 208 -5.92 -9.31 -34.08
N ARG B 209 -5.79 -9.81 -32.85
CA ARG B 209 -6.06 -11.21 -32.56
C ARG B 209 -7.01 -11.35 -31.38
N SER B 210 -6.98 -10.40 -30.45
CA SER B 210 -7.81 -10.48 -29.26
C SER B 210 -9.15 -9.80 -29.51
N PRO B 211 -10.27 -10.54 -29.46
CA PRO B 211 -11.57 -9.90 -29.69
C PRO B 211 -11.94 -8.85 -28.65
N ASN B 212 -11.41 -8.95 -27.43
CA ASN B 212 -11.82 -8.08 -26.34
C ASN B 212 -11.41 -6.62 -26.56
N LYS B 213 -10.53 -6.34 -27.51
CA LYS B 213 -10.06 -4.99 -27.77
C LYS B 213 -10.53 -4.53 -29.15
N GLU B 214 -10.75 -3.22 -29.27
CA GLU B 214 -11.23 -2.62 -30.50
C GLU B 214 -10.26 -1.54 -30.97
N ILE B 215 -10.12 -1.43 -32.29
CA ILE B 215 -9.17 -0.50 -32.91
C ILE B 215 -9.96 0.45 -33.79
N TYR B 216 -9.89 1.75 -33.47
CA TYR B 216 -10.55 2.77 -34.26
C TYR B 216 -9.58 3.32 -35.32
N CYS B 217 -9.99 4.37 -36.02
CA CYS B 217 -9.12 5.00 -36.99
C CYS B 217 -9.56 6.44 -37.23
N HIS B 218 -8.62 7.25 -37.70
CA HIS B 218 -8.91 8.62 -38.12
C HIS B 218 -7.82 9.06 -39.08
N MET B 219 -8.21 9.67 -40.19
CA MET B 219 -7.27 10.17 -41.18
C MET B 219 -6.93 11.62 -40.90
N THR B 220 -5.66 11.97 -41.10
CA THR B 220 -5.20 13.33 -40.88
C THR B 220 -4.01 13.61 -41.79
N CYS B 221 -3.69 14.90 -41.95
CA CYS B 221 -2.58 15.33 -42.78
C CYS B 221 -1.59 16.20 -42.01
N ALA B 222 -1.56 16.08 -40.67
CA ALA B 222 -0.66 16.86 -39.81
C ALA B 222 -0.89 18.36 -39.96
N THR B 223 -2.13 18.77 -40.23
CA THR B 223 -2.44 20.19 -40.38
C THR B 223 -3.77 20.57 -39.74
N ASP B 224 -4.37 19.70 -38.93
CA ASP B 224 -5.66 19.98 -38.30
C ASP B 224 -5.56 19.74 -36.81
N THR B 225 -6.41 20.43 -36.06
CA THR B 225 -6.44 20.34 -34.60
C THR B 225 -7.78 19.78 -34.11
N ASN B 226 -8.41 18.92 -34.89
CA ASN B 226 -9.70 18.33 -34.54
C ASN B 226 -9.56 17.04 -33.75
N ASN B 227 -8.34 16.62 -33.42
CA ASN B 227 -8.14 15.33 -32.77
C ASN B 227 -8.75 15.28 -31.37
N ALA B 228 -8.98 16.44 -30.73
CA ALA B 228 -9.54 16.43 -29.39
C ALA B 228 -10.91 15.79 -29.36
N GLN B 229 -11.77 16.10 -30.35
CA GLN B 229 -13.11 15.56 -30.36
C GLN B 229 -13.12 14.05 -30.50
N VAL B 230 -12.31 13.52 -31.42
CA VAL B 230 -12.30 12.08 -31.65
C VAL B 230 -11.67 11.35 -30.46
N ILE B 231 -10.62 11.93 -29.87
CA ILE B 231 -10.07 11.33 -28.65
C ILE B 231 -11.12 11.30 -27.55
N PHE B 232 -11.88 12.38 -27.40
CA PHE B 232 -12.91 12.42 -26.37
C PHE B 232 -13.97 11.34 -26.60
N ASP B 233 -14.43 11.19 -27.84
CA ASP B 233 -15.46 10.20 -28.13
C ASP B 233 -14.95 8.78 -27.90
N ALA B 234 -13.76 8.48 -28.41
CA ALA B 234 -13.20 7.13 -28.22
C ALA B 234 -13.00 6.84 -26.74
N VAL B 235 -12.52 7.83 -25.98
CA VAL B 235 -12.25 7.60 -24.56
C VAL B 235 -13.54 7.40 -23.79
N THR B 236 -14.61 8.14 -24.11
CA THR B 236 -15.85 7.93 -23.39
C THR B 236 -16.47 6.57 -23.72
N ASP B 237 -16.34 6.13 -24.99
CA ASP B 237 -16.81 4.79 -25.32
C ASP B 237 -16.03 3.73 -24.55
N ILE B 238 -14.71 3.88 -24.48
CA ILE B 238 -13.89 2.91 -23.76
C ILE B 238 -14.25 2.90 -22.28
N ILE B 239 -14.50 4.07 -21.71
CA ILE B 239 -14.87 4.15 -20.29
C ILE B 239 -16.19 3.43 -20.04
N ILE B 240 -17.18 3.66 -20.91
CA ILE B 240 -18.47 2.99 -20.76
C ILE B 240 -18.31 1.49 -20.83
N ALA B 241 -17.56 1.01 -21.83
CA ALA B 241 -17.39 -0.44 -21.99
C ALA B 241 -16.66 -1.04 -20.80
N ASN B 242 -15.60 -0.39 -20.33
CA ASN B 242 -14.84 -0.92 -19.21
C ASN B 242 -15.68 -0.97 -17.94
N ASN B 243 -16.45 0.09 -17.67
CA ASN B 243 -17.29 0.09 -16.48
C ASN B 243 -18.37 -0.98 -16.55
N LEU B 244 -19.02 -1.12 -17.71
CA LEU B 244 -20.08 -2.13 -17.83
C LEU B 244 -19.50 -3.54 -17.69
N ARG B 245 -18.33 -3.79 -18.27
CA ARG B 245 -17.70 -5.08 -18.10
C ARG B 245 -17.29 -5.32 -16.65
N GLY B 246 -16.90 -4.25 -15.94
CA GLY B 246 -16.61 -4.38 -14.53
C GLY B 246 -17.83 -4.76 -13.72
N CYS B 247 -18.98 -4.19 -14.05
CA CYS B 247 -20.22 -4.61 -13.40
C CYS B 247 -20.64 -6.02 -13.81
N GLY B 248 -20.05 -6.55 -14.88
CA GLY B 248 -20.31 -7.91 -15.32
C GLY B 248 -21.45 -8.07 -16.30
N LEU B 249 -22.23 -7.02 -16.54
CA LEU B 249 -23.35 -7.15 -17.47
C LEU B 249 -22.88 -7.19 -18.92
N TYR B 250 -21.79 -6.49 -19.24
CA TYR B 250 -21.29 -6.47 -20.61
C TYR B 250 -20.67 -7.82 -20.98
N GLU C 13 46.92 -8.15 -36.51
CA GLU C 13 45.69 -7.63 -37.08
C GLU C 13 44.48 -8.09 -36.28
N LEU C 14 43.29 -8.00 -36.90
CA LEU C 14 42.08 -8.42 -36.22
C LEU C 14 42.09 -9.92 -35.94
N ASP C 15 42.63 -10.71 -36.88
CA ASP C 15 42.73 -12.15 -36.67
C ASP C 15 43.65 -12.47 -35.49
N GLN C 16 44.76 -11.75 -35.38
CA GLN C 16 45.66 -11.96 -34.25
C GLN C 16 44.98 -11.63 -32.93
N LEU C 17 44.23 -10.54 -32.88
CA LEU C 17 43.52 -10.18 -31.65
C LEU C 17 42.46 -11.21 -31.30
N ARG C 18 41.73 -11.71 -32.31
CA ARG C 18 40.73 -12.74 -32.06
C ARG C 18 41.39 -14.02 -31.55
N GLN C 19 42.52 -14.40 -32.13
CA GLN C 19 43.23 -15.60 -31.66
C GLN C 19 43.72 -15.41 -30.23
N GLU C 20 44.23 -14.23 -29.90
CA GLU C 20 44.68 -13.96 -28.54
C GLU C 20 43.51 -14.05 -27.56
N ALA C 21 42.36 -13.49 -27.94
CA ALA C 21 41.17 -13.57 -27.07
C ALA C 21 40.73 -15.01 -26.89
N GLU C 22 40.75 -15.80 -27.96
CA GLU C 22 40.37 -17.21 -27.86
C GLU C 22 41.33 -17.97 -26.95
N GLN C 23 42.63 -17.70 -27.08
CA GLN C 23 43.61 -18.36 -26.22
C GLN C 23 43.41 -17.97 -24.76
N LEU C 24 43.12 -16.68 -24.49
CA LEU C 24 42.86 -16.25 -23.13
C LEU C 24 41.63 -16.93 -22.56
N LYS C 25 40.56 -17.02 -23.37
CA LYS C 25 39.35 -17.70 -22.92
C LYS C 25 39.61 -19.18 -22.65
N ASN C 26 40.42 -19.82 -23.50
CA ASN C 26 40.78 -21.22 -23.28
C ASN C 26 41.57 -21.39 -21.98
N GLN C 27 42.51 -20.48 -21.72
CA GLN C 27 43.27 -20.56 -20.48
C GLN C 27 42.37 -20.38 -19.26
N ILE C 28 41.43 -19.43 -19.33
CA ILE C 28 40.51 -19.21 -18.22
C ILE C 28 39.65 -20.45 -18.00
N ARG C 29 39.12 -21.03 -19.08
CA ARG C 29 38.28 -22.22 -18.95
C ARG C 29 39.06 -23.39 -18.37
N ASP C 30 40.30 -23.59 -18.83
CA ASP C 30 41.12 -24.68 -18.31
C ASP C 30 41.43 -24.48 -16.83
N ALA C 31 41.75 -23.25 -16.44
CA ALA C 31 42.04 -22.98 -15.04
C ALA C 31 40.81 -23.17 -14.17
N ARG C 32 39.64 -22.78 -14.68
CA ARG C 32 38.41 -22.97 -13.92
C ARG C 32 38.06 -24.45 -13.79
N LYS C 33 38.28 -25.23 -14.85
CA LYS C 33 37.97 -26.65 -14.80
C LYS C 33 38.97 -27.42 -13.95
N ALA C 34 40.21 -26.93 -13.85
CA ALA C 34 41.21 -27.62 -13.05
C ALA C 34 40.84 -27.59 -11.57
N CYS C 35 40.29 -26.47 -11.09
CA CYS C 35 39.99 -26.32 -9.67
C CYS C 35 38.80 -27.14 -9.22
N ALA C 36 38.00 -27.69 -10.13
CA ALA C 36 36.81 -28.45 -9.77
C ALA C 36 37.21 -29.91 -9.52
N ASP C 37 37.95 -30.11 -8.42
CA ASP C 37 38.35 -31.45 -8.04
C ASP C 37 37.14 -32.30 -7.64
N ALA C 38 36.21 -31.70 -6.89
CA ALA C 38 34.99 -32.39 -6.50
C ALA C 38 33.89 -31.37 -6.27
N THR C 39 32.65 -31.83 -6.39
CA THR C 39 31.49 -30.95 -6.28
C THR C 39 31.06 -30.81 -4.83
N LEU C 40 30.29 -29.75 -4.57
CA LEU C 40 29.76 -29.53 -3.23
C LEU C 40 28.73 -30.60 -2.86
N SER C 41 27.99 -31.10 -3.85
CA SER C 41 26.92 -32.06 -3.55
C SER C 41 27.48 -33.34 -2.95
N GLN C 42 28.62 -33.82 -3.46
CA GLN C 42 29.22 -35.03 -2.89
C GLN C 42 29.63 -34.81 -1.44
N ILE C 43 30.21 -33.65 -1.13
CA ILE C 43 30.65 -33.39 0.23
C ILE C 43 29.47 -33.24 1.18
N THR C 44 28.42 -32.54 0.73
CA THR C 44 27.27 -32.28 1.58
C THR C 44 26.32 -33.46 1.70
N ASN C 45 26.61 -34.57 1.02
CA ASN C 45 25.69 -35.71 1.02
C ASN C 45 25.57 -36.34 2.40
N ASN C 46 26.65 -36.37 3.17
CA ASN C 46 26.65 -37.07 4.44
C ASN C 46 25.95 -36.27 5.54
N ILE C 47 25.99 -34.94 5.49
CA ILE C 47 25.47 -34.13 6.58
C ILE C 47 23.95 -34.25 6.65
N ASP C 48 23.41 -34.15 7.86
CA ASP C 48 21.99 -34.35 8.08
C ASP C 48 21.17 -33.18 7.51
N PRO C 49 19.94 -33.44 7.10
CA PRO C 49 19.08 -32.38 6.59
C PRO C 49 18.39 -31.63 7.72
N VAL C 50 17.71 -30.53 7.35
CA VAL C 50 17.03 -29.69 8.33
C VAL C 50 15.57 -30.06 8.53
N GLY C 51 15.04 -30.97 7.72
CA GLY C 51 13.65 -31.38 7.87
C GLY C 51 12.71 -30.45 7.14
N ARG C 52 11.62 -30.06 7.80
CA ARG C 52 10.61 -29.19 7.23
C ARG C 52 10.48 -27.94 8.10
N ILE C 53 10.54 -26.78 7.45
CA ILE C 53 10.43 -25.49 8.12
C ILE C 53 9.06 -24.90 7.78
N GLN C 54 8.27 -24.62 8.82
CA GLN C 54 6.94 -24.04 8.66
C GLN C 54 6.93 -22.63 9.25
N MET C 55 6.38 -21.68 8.50
CA MET C 55 6.32 -20.29 8.91
C MET C 55 4.91 -19.77 8.73
N ARG C 56 4.51 -18.86 9.62
CA ARG C 56 3.17 -18.31 9.62
C ARG C 56 3.22 -16.79 9.65
N THR C 57 2.19 -16.18 9.06
CA THR C 57 2.11 -14.72 9.04
C THR C 57 1.86 -14.20 10.45
N ARG C 58 2.58 -13.15 10.83
CA ARG C 58 2.43 -12.53 12.14
C ARG C 58 1.75 -11.18 12.10
N ARG C 59 2.06 -10.34 11.11
CA ARG C 59 1.43 -9.03 10.98
C ARG C 59 1.05 -8.80 9.52
N THR C 60 0.37 -7.69 9.28
CA THR C 60 0.04 -7.28 7.91
C THR C 60 -0.16 -5.77 7.93
N LEU C 61 0.60 -5.06 7.12
CA LEU C 61 0.54 -3.60 7.05
C LEU C 61 -0.17 -3.22 5.76
N ARG C 62 -1.36 -2.63 5.89
CA ARG C 62 -2.21 -2.27 4.76
C ARG C 62 -2.31 -0.74 4.70
N GLY C 63 -1.37 -0.12 4.01
CA GLY C 63 -1.41 1.33 3.86
C GLY C 63 -1.35 1.82 2.42
N HIS C 64 -0.77 1.02 1.53
CA HIS C 64 -0.54 1.45 0.16
C HIS C 64 -1.78 1.28 -0.70
N LEU C 65 -1.74 1.87 -1.89
CA LEU C 65 -2.82 1.79 -2.85
C LEU C 65 -2.44 1.14 -4.17
N ALA C 66 -1.16 1.10 -4.53
CA ALA C 66 -0.73 0.55 -5.80
C ALA C 66 0.35 -0.50 -5.60
N LYS C 67 0.99 -0.92 -6.69
CA LYS C 67 2.02 -1.95 -6.60
C LYS C 67 3.20 -1.49 -5.77
N ILE C 68 3.84 -2.44 -5.09
CA ILE C 68 5.00 -2.20 -4.24
C ILE C 68 6.24 -2.72 -4.96
N TYR C 69 7.30 -1.92 -4.96
CA TYR C 69 8.50 -2.25 -5.72
C TYR C 69 9.77 -2.38 -4.89
N ALA C 70 9.74 -2.04 -3.60
CA ALA C 70 10.93 -2.18 -2.78
C ALA C 70 10.55 -2.16 -1.32
N MET C 71 11.46 -2.67 -0.48
CA MET C 71 11.29 -2.69 0.97
C MET C 71 12.65 -2.94 1.58
N HIS C 72 13.13 -2.00 2.40
CA HIS C 72 14.47 -2.08 2.96
C HIS C 72 14.38 -1.97 4.48
N TRP C 73 15.08 -2.87 5.18
CA TRP C 73 15.06 -2.90 6.64
C TRP C 73 15.95 -1.81 7.21
N GLY C 74 15.58 -1.33 8.39
CA GLY C 74 16.42 -0.38 9.10
C GLY C 74 17.64 -1.04 9.69
N THR C 75 18.53 -0.21 10.22
CA THR C 75 19.77 -0.72 10.79
C THR C 75 19.59 -1.30 12.18
N ASP C 76 18.51 -0.97 12.87
CA ASP C 76 18.25 -1.48 14.20
C ASP C 76 17.20 -2.60 14.20
N SER C 77 16.86 -3.12 13.03
CA SER C 77 15.92 -4.24 12.89
C SER C 77 14.54 -3.92 13.44
N ARG C 78 14.18 -2.64 13.44
CA ARG C 78 12.85 -2.23 13.91
C ARG C 78 12.07 -1.48 12.84
N LEU C 79 12.67 -0.52 12.15
CA LEU C 79 11.97 0.30 11.18
C LEU C 79 12.18 -0.24 9.77
N LEU C 80 11.16 -0.05 8.94
CA LEU C 80 11.19 -0.47 7.54
C LEU C 80 10.62 0.65 6.68
N VAL C 81 11.04 0.69 5.41
CA VAL C 81 10.57 1.68 4.45
C VAL C 81 10.10 0.96 3.20
N SER C 82 8.94 1.37 2.69
CA SER C 82 8.33 0.73 1.53
C SER C 82 8.02 1.78 0.48
N ALA C 83 8.45 1.54 -0.76
CA ALA C 83 8.27 2.47 -1.86
C ALA C 83 7.31 1.87 -2.88
N SER C 84 6.30 2.65 -3.26
CA SER C 84 5.27 2.21 -4.19
C SER C 84 5.15 3.21 -5.33
N GLN C 85 4.41 2.82 -6.36
CA GLN C 85 4.19 3.65 -7.54
C GLN C 85 2.99 4.58 -7.39
N ASP C 86 2.43 4.69 -6.19
CA ASP C 86 1.37 5.65 -5.93
C ASP C 86 1.90 7.04 -5.62
N GLY C 87 3.22 7.21 -5.58
CA GLY C 87 3.82 8.49 -5.27
C GLY C 87 4.18 8.71 -3.82
N LYS C 88 4.20 7.67 -3.00
CA LYS C 88 4.47 7.79 -1.58
C LYS C 88 5.60 6.83 -1.20
N LEU C 89 6.25 7.14 -0.07
CA LEU C 89 7.25 6.26 0.52
C LEU C 89 7.05 6.31 2.03
N ILE C 90 6.28 5.37 2.56
CA ILE C 90 5.96 5.36 3.98
C ILE C 90 7.10 4.73 4.77
N ILE C 91 7.10 5.01 6.07
CA ILE C 91 8.06 4.41 7.01
C ILE C 91 7.25 3.70 8.08
N TRP C 92 7.54 2.41 8.28
CA TRP C 92 6.75 1.56 9.16
C TRP C 92 7.46 1.33 10.48
N ASP C 93 6.69 0.90 11.47
CA ASP C 93 7.22 0.42 12.75
C ASP C 93 6.79 -1.03 12.89
N SER C 94 7.75 -1.95 12.81
CA SER C 94 7.42 -3.36 12.68
C SER C 94 6.70 -3.89 13.91
N TYR C 95 7.13 -3.49 15.10
CA TYR C 95 6.64 -4.12 16.32
C TYR C 95 5.19 -3.76 16.64
N THR C 96 4.69 -2.63 16.13
CA THR C 96 3.31 -2.23 16.40
C THR C 96 2.53 -1.87 15.15
N THR C 97 3.12 -2.02 13.95
CA THR C 97 2.47 -1.70 12.69
C THR C 97 1.92 -0.28 12.68
N ASN C 98 2.80 0.67 12.98
CA ASN C 98 2.46 2.08 13.01
C ASN C 98 3.18 2.84 11.92
N LYS C 99 2.52 3.84 11.37
CA LYS C 99 3.14 4.77 10.44
C LYS C 99 3.76 5.92 11.21
N VAL C 100 4.97 6.29 10.82
CA VAL C 100 5.73 7.31 11.55
C VAL C 100 6.02 8.50 10.65
N HIS C 101 6.08 8.28 9.34
CA HIS C 101 6.39 9.32 8.38
C HIS C 101 5.60 9.08 7.10
N ALA C 102 5.63 10.06 6.21
CA ALA C 102 5.01 9.93 4.88
C ALA C 102 5.63 10.97 3.97
N ILE C 103 6.32 10.52 2.94
CA ILE C 103 7.09 11.41 2.08
C ILE C 103 6.51 11.44 0.68
N PRO C 104 5.74 12.47 0.31
CA PRO C 104 5.29 12.58 -1.08
C PRO C 104 6.45 12.84 -2.02
N LEU C 105 6.32 12.32 -3.23
CA LEU C 105 7.35 12.40 -4.25
C LEU C 105 6.91 13.32 -5.39
N ARG C 106 7.90 13.88 -6.08
CA ARG C 106 7.62 14.69 -7.26
C ARG C 106 7.24 13.84 -8.46
N SER C 107 7.88 12.69 -8.61
CA SER C 107 7.62 11.76 -9.71
C SER C 107 7.01 10.48 -9.17
N SER C 108 6.02 9.97 -9.89
CA SER C 108 5.30 8.77 -9.46
C SER C 108 5.88 7.49 -10.03
N TRP C 109 6.99 7.55 -10.77
CA TRP C 109 7.61 6.38 -11.36
C TRP C 109 8.91 6.08 -10.61
N VAL C 110 8.79 5.30 -9.54
CA VAL C 110 9.92 4.94 -8.69
C VAL C 110 10.01 3.42 -8.62
N MET C 111 11.23 2.90 -8.75
CA MET C 111 11.46 1.46 -8.71
C MET C 111 12.72 1.14 -7.91
N THR C 112 12.97 1.88 -6.84
CA THR C 112 14.10 1.61 -5.97
C THR C 112 13.86 2.31 -4.63
N CYS C 113 14.68 1.96 -3.65
CA CYS C 113 14.63 2.56 -2.33
C CYS C 113 15.88 2.13 -1.56
N ALA C 114 16.21 2.91 -0.53
CA ALA C 114 17.36 2.61 0.32
C ALA C 114 17.13 3.28 1.67
N TYR C 115 17.89 2.82 2.66
CA TYR C 115 17.75 3.36 4.01
C TYR C 115 19.13 3.43 4.64
N ALA C 116 19.48 4.60 5.17
CA ALA C 116 20.85 4.85 5.58
C ALA C 116 21.23 4.01 6.79
N PRO C 117 22.50 3.58 6.88
CA PRO C 117 22.92 2.80 8.05
C PRO C 117 22.83 3.55 9.36
N SER C 118 23.00 4.87 9.34
CA SER C 118 22.91 5.66 10.57
C SER C 118 21.49 6.08 10.89
N GLY C 119 20.54 5.85 9.99
CA GLY C 119 19.16 6.19 10.26
C GLY C 119 18.83 7.66 10.14
N ASN C 120 19.52 8.39 9.26
CA ASN C 120 19.25 9.80 9.08
C ASN C 120 18.96 10.19 7.63
N TYR C 121 18.88 9.24 6.71
CA TYR C 121 18.68 9.58 5.31
C TYR C 121 17.86 8.50 4.62
N VAL C 122 17.17 8.90 3.56
CA VAL C 122 16.37 8.01 2.74
C VAL C 122 16.57 8.40 1.28
N ALA C 123 16.81 7.41 0.41
CA ALA C 123 17.07 7.67 -0.99
C ALA C 123 16.02 6.99 -1.85
N CYS C 124 15.67 7.65 -2.97
CA CYS C 124 14.71 7.10 -3.91
C CYS C 124 15.12 7.50 -5.32
N GLY C 125 14.63 6.74 -6.30
CA GLY C 125 14.91 7.01 -7.69
C GLY C 125 13.90 6.31 -8.56
N GLY C 126 14.06 6.47 -9.88
CA GLY C 126 13.12 5.85 -10.79
C GLY C 126 13.40 6.03 -12.27
N LEU C 127 12.36 6.36 -13.03
CA LEU C 127 12.44 6.50 -14.48
C LEU C 127 12.85 7.90 -14.92
N ASP C 128 13.03 8.84 -14.00
CA ASP C 128 13.39 10.20 -14.34
C ASP C 128 14.90 10.43 -14.38
N ASN C 129 15.70 9.39 -14.17
CA ASN C 129 17.15 9.45 -14.25
C ASN C 129 17.75 10.38 -13.20
N ILE C 130 17.13 10.44 -12.03
CA ILE C 130 17.57 11.31 -10.94
C ILE C 130 17.51 10.54 -9.63
N CYS C 131 18.56 10.64 -8.82
CA CYS C 131 18.62 10.02 -7.51
C CYS C 131 18.42 11.11 -6.45
N SER C 132 17.45 10.89 -5.57
CA SER C 132 17.07 11.87 -4.56
C SER C 132 17.61 11.47 -3.19
N ILE C 133 17.79 12.47 -2.33
CA ILE C 133 18.24 12.28 -0.96
C ILE C 133 17.31 13.07 -0.05
N TYR C 134 16.88 12.45 1.05
CA TYR C 134 15.95 13.07 1.98
C TYR C 134 16.58 13.14 3.37
N ASN C 135 16.18 14.16 4.13
CA ASN C 135 16.69 14.40 5.47
C ASN C 135 15.58 14.13 6.48
N LEU C 136 15.86 13.25 7.44
CA LEU C 136 14.84 12.81 8.38
C LEU C 136 14.91 13.53 9.73
N LYS C 137 15.99 14.22 10.03
CA LYS C 137 16.20 14.82 11.35
C LYS C 137 16.33 16.34 11.25
N THR C 138 15.46 16.97 10.47
CA THR C 138 15.47 18.42 10.37
C THR C 138 14.95 19.04 11.67
N ARG C 139 15.36 20.30 11.89
CA ARG C 139 14.95 21.02 13.09
C ARG C 139 13.58 21.68 12.96
N GLU C 140 13.04 21.76 11.75
CA GLU C 140 11.73 22.36 11.53
C GLU C 140 10.59 21.36 11.51
N GLY C 141 10.89 20.07 11.73
CA GLY C 141 9.85 19.07 11.85
C GLY C 141 9.30 18.51 10.56
N ASN C 142 9.96 18.77 9.42
CA ASN C 142 9.50 18.25 8.14
C ASN C 142 10.68 17.60 7.41
N VAL C 143 10.34 16.82 6.39
CA VAL C 143 11.34 16.12 5.57
C VAL C 143 11.59 16.96 4.32
N ARG C 144 12.85 17.33 4.11
CA ARG C 144 13.25 18.23 3.03
C ARG C 144 14.28 17.54 2.13
N VAL C 145 14.12 17.74 0.82
CA VAL C 145 15.05 17.18 -0.16
C VAL C 145 16.38 17.92 -0.05
N SER C 146 17.39 17.26 0.49
CA SER C 146 18.69 17.90 0.63
C SER C 146 19.45 17.98 -0.68
N ARG C 147 19.30 16.98 -1.56
CA ARG C 147 20.05 16.93 -2.80
C ARG C 147 19.23 16.20 -3.85
N GLU C 148 19.56 16.44 -5.12
CA GLU C 148 18.96 15.74 -6.25
C GLU C 148 20.06 15.51 -7.28
N LEU C 149 20.69 14.33 -7.20
CA LEU C 149 21.80 14.02 -8.10
C LEU C 149 21.29 13.82 -9.53
N ALA C 150 22.14 14.17 -10.49
CA ALA C 150 21.80 14.02 -11.89
C ALA C 150 23.07 13.78 -12.70
N GLY C 151 22.88 13.17 -13.87
CA GLY C 151 24.00 12.88 -14.75
C GLY C 151 23.86 11.55 -15.45
N HIS C 152 23.05 10.65 -14.89
CA HIS C 152 22.78 9.37 -15.53
C HIS C 152 21.83 9.55 -16.69
N THR C 153 22.03 8.78 -17.75
CA THR C 153 21.16 8.81 -18.91
C THR C 153 20.03 7.79 -18.80
N GLY C 154 20.36 6.55 -18.44
CA GLY C 154 19.37 5.51 -18.30
C GLY C 154 18.68 5.52 -16.95
N TYR C 155 17.58 4.78 -16.87
CA TYR C 155 16.80 4.71 -15.64
C TYR C 155 17.61 4.05 -14.54
N LEU C 156 17.49 4.59 -13.33
CA LEU C 156 18.19 4.05 -12.16
C LEU C 156 17.40 2.89 -11.59
N SER C 157 18.09 1.79 -11.29
CA SER C 157 17.43 0.58 -10.81
C SER C 157 17.78 0.23 -9.37
N CYS C 158 18.96 0.57 -8.88
CA CYS C 158 19.34 0.25 -7.52
C CYS C 158 20.28 1.33 -6.99
N CYS C 159 20.30 1.46 -5.65
CA CYS C 159 21.13 2.45 -5.00
C CYS C 159 21.27 2.09 -3.52
N ARG C 160 22.50 2.10 -3.02
CA ARG C 160 22.79 1.74 -1.65
C ARG C 160 23.68 2.80 -1.02
N PHE C 161 23.54 2.96 0.30
CA PHE C 161 24.37 3.89 1.06
C PHE C 161 25.62 3.20 1.55
N LEU C 162 26.79 3.68 1.13
CA LEU C 162 28.04 3.20 1.72
C LEU C 162 28.21 3.75 3.13
N ASP C 163 27.96 5.05 3.30
CA ASP C 163 27.92 5.68 4.61
C ASP C 163 27.05 6.93 4.48
N ASP C 164 27.14 7.83 5.46
CA ASP C 164 26.28 9.01 5.44
C ASP C 164 26.69 10.03 4.39
N ASN C 165 27.83 9.86 3.72
CA ASN C 165 28.31 10.86 2.78
C ASN C 165 28.61 10.31 1.40
N GLN C 166 28.20 9.08 1.10
CA GLN C 166 28.43 8.50 -0.22
C GLN C 166 27.28 7.58 -0.57
N ILE C 167 27.13 7.33 -1.87
CA ILE C 167 26.06 6.47 -2.37
C ILE C 167 26.49 5.90 -3.71
N VAL C 168 26.15 4.64 -3.96
CA VAL C 168 26.50 3.95 -5.19
C VAL C 168 25.22 3.61 -5.94
N THR C 169 25.23 3.85 -7.24
CA THR C 169 24.04 3.69 -8.07
C THR C 169 24.35 2.83 -9.28
N SER C 170 23.31 2.14 -9.76
CA SER C 170 23.37 1.34 -10.97
C SER C 170 22.18 1.67 -11.84
N SER C 171 22.44 2.20 -13.04
CA SER C 171 21.39 2.74 -13.90
C SER C 171 21.34 1.96 -15.20
N GLY C 172 20.31 2.27 -15.99
CA GLY C 172 20.06 1.61 -17.26
C GLY C 172 20.94 2.04 -18.40
N ASP C 173 21.82 3.02 -18.17
CA ASP C 173 22.79 3.46 -19.16
C ASP C 173 23.99 2.51 -19.25
N THR C 174 23.86 1.30 -18.69
CA THR C 174 24.91 0.28 -18.70
C THR C 174 26.17 0.78 -18.00
N THR C 175 26.00 1.54 -16.93
CA THR C 175 27.13 2.07 -16.16
C THR C 175 26.77 2.10 -14.69
N CYS C 176 27.80 2.10 -13.85
CA CYS C 176 27.67 2.31 -12.41
C CYS C 176 28.66 3.38 -11.99
N ALA C 177 28.22 4.27 -11.11
CA ALA C 177 29.06 5.39 -10.67
C ALA C 177 28.91 5.61 -9.18
N LEU C 178 29.97 6.13 -8.57
CA LEU C 178 30.00 6.42 -7.14
C LEU C 178 29.85 7.92 -6.93
N TRP C 179 28.89 8.32 -6.10
CA TRP C 179 28.54 9.71 -5.95
C TRP C 179 29.16 10.31 -4.69
N ASP C 180 28.76 11.54 -4.38
CA ASP C 180 29.15 12.21 -3.14
C ASP C 180 27.97 13.09 -2.75
N ILE C 181 27.30 12.73 -1.66
CA ILE C 181 26.08 13.43 -1.27
C ILE C 181 26.35 14.80 -0.68
N GLU C 182 27.60 15.25 -0.69
CA GLU C 182 27.95 16.58 -0.21
C GLU C 182 28.02 17.60 -1.35
N THR C 183 28.76 17.28 -2.41
CA THR C 183 28.91 18.16 -3.55
C THR C 183 28.11 17.71 -4.78
N GLY C 184 27.57 16.50 -4.77
CA GLY C 184 26.74 16.03 -5.87
C GLY C 184 27.45 15.89 -7.19
N GLN C 185 28.62 15.26 -7.21
CA GLN C 185 29.38 15.03 -8.43
C GLN C 185 29.78 13.58 -8.53
N GLN C 186 29.91 13.09 -9.77
CA GLN C 186 30.34 11.72 -10.02
C GLN C 186 31.84 11.61 -9.73
N THR C 187 32.17 10.99 -8.60
CA THR C 187 33.58 10.87 -8.24
C THR C 187 34.28 9.81 -9.08
N THR C 188 33.60 8.71 -9.39
CA THR C 188 34.19 7.64 -10.17
C THR C 188 33.08 6.93 -10.95
N THR C 189 33.46 6.28 -12.04
CA THR C 189 32.52 5.54 -12.88
C THR C 189 33.08 4.15 -13.18
N PHE C 190 32.17 3.22 -13.45
CA PHE C 190 32.53 1.85 -13.78
C PHE C 190 31.90 1.47 -15.11
N THR C 191 32.69 0.87 -16.00
CA THR C 191 32.22 0.46 -17.31
C THR C 191 32.61 -0.99 -17.56
N GLY C 192 31.87 -1.64 -18.45
CA GLY C 192 32.13 -3.02 -18.79
C GLY C 192 30.91 -3.86 -19.07
N HIS C 193 29.72 -3.30 -18.85
CA HIS C 193 28.48 -4.02 -19.06
C HIS C 193 27.86 -3.60 -20.39
N THR C 194 27.48 -4.59 -21.20
CA THR C 194 26.90 -4.36 -22.51
C THR C 194 25.37 -4.35 -22.49
N GLY C 195 24.77 -4.43 -21.31
CA GLY C 195 23.32 -4.41 -21.19
C GLY C 195 22.90 -3.67 -19.94
N ASP C 196 21.59 -3.55 -19.78
CA ASP C 196 21.04 -2.84 -18.63
C ASP C 196 21.46 -3.53 -17.33
N VAL C 197 21.81 -2.73 -16.33
CA VAL C 197 22.19 -3.25 -15.02
C VAL C 197 20.98 -3.15 -14.10
N MET C 198 20.53 -4.29 -13.58
CA MET C 198 19.28 -4.37 -12.83
C MET C 198 19.44 -4.94 -11.43
N SER C 199 20.66 -5.02 -10.92
CA SER C 199 20.88 -5.58 -9.59
C SER C 199 22.24 -5.17 -9.08
N LEU C 200 22.29 -4.75 -7.81
CA LEU C 200 23.52 -4.32 -7.18
C LEU C 200 23.52 -4.75 -5.72
N SER C 201 24.67 -5.17 -5.22
CA SER C 201 24.81 -5.56 -3.82
C SER C 201 26.23 -5.26 -3.36
N LEU C 202 26.34 -4.74 -2.14
CA LEU C 202 27.62 -4.36 -1.55
C LEU C 202 27.97 -5.33 -0.42
N ALA C 203 29.25 -5.65 -0.32
CA ALA C 203 29.71 -6.62 0.66
C ALA C 203 29.58 -6.05 2.07
N PRO C 204 29.54 -6.93 3.09
CA PRO C 204 29.50 -6.42 4.47
C PRO C 204 30.71 -5.58 4.83
N ASP C 205 31.88 -5.84 4.24
CA ASP C 205 33.05 -5.02 4.48
C ASP C 205 32.95 -3.65 3.83
N THR C 206 31.97 -3.44 2.95
CA THR C 206 31.75 -2.16 2.27
C THR C 206 32.96 -1.71 1.47
N ARG C 207 33.74 -2.68 0.96
CA ARG C 207 34.88 -2.38 0.11
C ARG C 207 34.76 -2.98 -1.28
N LEU C 208 33.96 -4.03 -1.46
CA LEU C 208 33.73 -4.64 -2.76
C LEU C 208 32.23 -4.81 -2.96
N PHE C 209 31.80 -4.81 -4.22
CA PHE C 209 30.40 -4.98 -4.54
C PHE C 209 30.27 -5.61 -5.92
N VAL C 210 29.25 -6.45 -6.07
CA VAL C 210 29.00 -7.16 -7.32
C VAL C 210 27.67 -6.70 -7.90
N SER C 211 27.58 -6.71 -9.22
CA SER C 211 26.39 -6.25 -9.91
C SER C 211 26.01 -7.23 -11.02
N GLY C 212 24.73 -7.22 -11.38
CA GLY C 212 24.24 -8.10 -12.42
C GLY C 212 23.55 -7.37 -13.55
N ALA C 213 24.11 -7.48 -14.76
CA ALA C 213 23.56 -6.80 -15.92
C ALA C 213 22.38 -7.62 -16.47
N CYS C 214 21.94 -7.28 -17.68
CA CYS C 214 20.86 -8.00 -18.35
C CYS C 214 21.34 -8.71 -19.61
N ASP C 215 22.60 -9.16 -19.62
CA ASP C 215 23.14 -9.98 -20.69
C ASP C 215 23.65 -11.32 -20.18
N ALA C 216 23.11 -11.79 -19.06
CA ALA C 216 23.49 -13.06 -18.44
C ALA C 216 24.98 -13.07 -18.07
N SER C 217 25.34 -12.14 -17.19
CA SER C 217 26.69 -12.08 -16.63
C SER C 217 26.67 -11.25 -15.37
N ALA C 218 27.59 -11.54 -14.46
CA ALA C 218 27.74 -10.81 -13.22
C ALA C 218 29.22 -10.53 -12.98
N LYS C 219 29.53 -9.33 -12.50
CA LYS C 219 30.91 -8.89 -12.36
C LYS C 219 31.13 -8.34 -10.96
N LEU C 220 32.39 -8.36 -10.53
CA LEU C 220 32.81 -7.90 -9.21
C LEU C 220 33.68 -6.67 -9.37
N TRP C 221 33.29 -5.57 -8.72
CA TRP C 221 34.01 -4.31 -8.80
C TRP C 221 34.80 -4.04 -7.52
N ASP C 222 35.69 -3.06 -7.61
CA ASP C 222 36.42 -2.53 -6.46
C ASP C 222 36.12 -1.05 -6.35
N VAL C 223 35.68 -0.62 -5.16
CA VAL C 223 35.28 0.77 -4.98
C VAL C 223 36.49 1.69 -5.00
N ARG C 224 37.60 1.27 -4.39
CA ARG C 224 38.74 2.16 -4.22
C ARG C 224 39.44 2.44 -5.55
N GLU C 225 39.96 1.41 -6.20
CA GLU C 225 40.70 1.60 -7.44
C GLU C 225 39.80 1.74 -8.66
N GLY C 226 38.51 1.50 -8.53
CA GLY C 226 37.56 1.76 -9.59
C GLY C 226 37.73 0.95 -10.86
N MET C 227 37.90 -0.37 -10.73
CA MET C 227 38.00 -1.22 -11.91
C MET C 227 37.52 -2.62 -11.58
N CYS C 228 37.25 -3.39 -12.62
CA CYS C 228 36.73 -4.75 -12.47
C CYS C 228 37.84 -5.71 -12.02
N ARG C 229 37.42 -6.84 -11.47
CA ARG C 229 38.32 -7.89 -11.06
C ARG C 229 38.03 -9.22 -11.75
N GLN C 230 36.78 -9.67 -11.75
CA GLN C 230 36.44 -10.98 -12.28
C GLN C 230 35.06 -10.93 -12.94
N THR C 231 34.80 -11.91 -13.79
CA THR C 231 33.53 -12.04 -14.47
C THR C 231 33.03 -13.47 -14.35
N PHE C 232 31.78 -13.63 -13.95
CA PHE C 232 31.15 -14.94 -13.82
C PHE C 232 29.99 -15.05 -14.81
N THR C 233 29.95 -16.15 -15.54
CA THR C 233 28.89 -16.40 -16.51
C THR C 233 28.36 -17.82 -16.33
N GLY C 234 27.25 -18.11 -16.98
CA GLY C 234 26.64 -19.43 -16.90
C GLY C 234 25.13 -19.42 -16.93
N HIS C 235 24.53 -18.24 -16.88
CA HIS C 235 23.08 -18.13 -16.93
C HIS C 235 22.61 -18.17 -18.38
N GLU C 236 21.30 -17.98 -18.59
CA GLU C 236 20.72 -18.00 -19.93
C GLU C 236 19.93 -16.75 -20.27
N SER C 237 19.63 -15.87 -19.32
CA SER C 237 18.78 -14.73 -19.57
C SER C 237 19.14 -13.62 -18.59
N ASP C 238 18.26 -12.63 -18.46
CA ASP C 238 18.54 -11.44 -17.68
C ASP C 238 18.45 -11.73 -16.19
N ILE C 239 19.51 -11.39 -15.46
CA ILE C 239 19.51 -11.52 -14.00
C ILE C 239 18.63 -10.42 -13.40
N ASN C 240 17.91 -10.75 -12.33
CA ASN C 240 17.01 -9.81 -11.70
C ASN C 240 17.30 -9.56 -10.23
N ALA C 241 18.21 -10.30 -9.60
CA ALA C 241 18.51 -10.11 -8.19
C ALA C 241 19.89 -10.66 -7.88
N ILE C 242 20.42 -10.24 -6.73
CA ILE C 242 21.73 -10.70 -6.27
C ILE C 242 21.85 -10.38 -4.79
N CYS C 243 22.70 -11.13 -4.09
CA CYS C 243 22.91 -10.94 -2.67
C CYS C 243 24.21 -11.64 -2.26
N PHE C 244 24.65 -11.39 -1.03
CA PHE C 244 25.89 -11.94 -0.50
C PHE C 244 25.64 -12.95 0.61
N PHE C 245 26.47 -13.99 0.62
CA PHE C 245 26.55 -14.87 1.77
C PHE C 245 27.11 -14.09 2.96
N PRO C 246 26.63 -14.35 4.18
CA PRO C 246 27.10 -13.56 5.33
C PRO C 246 28.60 -13.62 5.56
N ASN C 247 29.26 -14.71 5.16
CA ASN C 247 30.70 -14.80 5.30
C ASN C 247 31.44 -13.83 4.37
N GLY C 248 30.76 -13.27 3.37
CA GLY C 248 31.40 -12.36 2.44
C GLY C 248 32.26 -13.04 1.39
N ASN C 249 32.15 -14.36 1.24
CA ASN C 249 32.99 -15.11 0.33
C ASN C 249 32.24 -15.73 -0.84
N ALA C 250 30.91 -15.69 -0.84
CA ALA C 250 30.14 -16.26 -1.94
C ALA C 250 28.88 -15.43 -2.13
N PHE C 251 28.32 -15.50 -3.33
CA PHE C 251 27.07 -14.81 -3.64
C PHE C 251 26.20 -15.69 -4.52
N ALA C 252 24.88 -15.51 -4.40
CA ALA C 252 23.90 -16.33 -5.10
C ALA C 252 22.97 -15.44 -5.90
N THR C 253 22.87 -15.71 -7.20
CA THR C 253 22.09 -14.89 -8.11
C THR C 253 20.99 -15.73 -8.76
N GLY C 254 19.80 -15.15 -8.88
CA GLY C 254 18.68 -15.87 -9.46
C GLY C 254 18.18 -15.25 -10.75
N SER C 255 18.39 -15.94 -11.87
CA SER C 255 18.11 -15.39 -13.18
C SER C 255 16.65 -15.59 -13.55
N ASP C 256 16.30 -15.30 -14.80
CA ASP C 256 14.95 -15.49 -15.33
C ASP C 256 14.76 -16.85 -15.97
N ASP C 257 15.78 -17.70 -15.98
CA ASP C 257 15.67 -19.06 -16.48
C ASP C 257 15.16 -20.03 -15.41
N ALA C 258 14.53 -19.51 -14.36
CA ALA C 258 13.93 -20.28 -13.28
C ALA C 258 14.96 -21.04 -12.44
N THR C 259 16.23 -20.63 -12.48
CA THR C 259 17.28 -21.31 -11.74
C THR C 259 18.10 -20.30 -10.95
N CYS C 260 18.22 -20.54 -9.64
CA CYS C 260 19.19 -19.84 -8.80
C CYS C 260 20.52 -20.57 -8.86
N ARG C 261 21.60 -19.81 -8.69
CA ARG C 261 22.93 -20.41 -8.72
C ARG C 261 23.79 -19.80 -7.63
N LEU C 262 24.79 -20.56 -7.19
CA LEU C 262 25.72 -20.15 -6.16
C LEU C 262 27.11 -20.02 -6.76
N PHE C 263 27.75 -18.88 -6.55
CA PHE C 263 29.08 -18.61 -7.06
C PHE C 263 30.05 -18.43 -5.91
N ASP C 264 31.26 -18.99 -6.06
CA ASP C 264 32.33 -18.84 -5.09
C ASP C 264 33.38 -17.89 -5.64
N LEU C 265 33.72 -16.86 -4.87
CA LEU C 265 34.65 -15.85 -5.36
C LEU C 265 36.06 -16.42 -5.55
N ARG C 266 36.57 -17.13 -4.53
CA ARG C 266 37.93 -17.65 -4.62
C ARG C 266 38.02 -18.76 -5.66
N ALA C 267 37.02 -19.64 -5.71
CA ALA C 267 37.04 -20.74 -6.68
C ALA C 267 36.81 -20.25 -8.11
N ASP C 268 36.29 -19.03 -8.28
CA ASP C 268 36.12 -18.41 -9.60
C ASP C 268 35.24 -19.26 -10.51
N GLN C 269 34.18 -19.84 -9.95
CA GLN C 269 33.26 -20.67 -10.71
C GLN C 269 31.99 -20.86 -9.89
N GLU C 270 31.09 -21.69 -10.40
CA GLU C 270 29.84 -22.00 -9.71
C GLU C 270 30.01 -23.26 -8.85
N LEU C 271 29.10 -23.42 -7.90
CA LEU C 271 29.11 -24.56 -6.99
C LEU C 271 27.87 -25.43 -7.11
N MET C 272 26.68 -24.84 -7.02
CA MET C 272 25.44 -25.60 -7.03
C MET C 272 24.41 -24.90 -7.90
N THR C 273 23.45 -25.67 -8.39
CA THR C 273 22.33 -25.16 -9.16
C THR C 273 21.03 -25.53 -8.49
N TYR C 274 20.11 -24.58 -8.43
CA TYR C 274 18.85 -24.73 -7.70
C TYR C 274 17.70 -24.69 -8.70
N SER C 275 17.26 -25.87 -9.15
CA SER C 275 16.20 -25.97 -10.13
C SER C 275 15.16 -26.98 -9.68
N HIS C 276 13.91 -26.74 -10.08
CA HIS C 276 12.81 -27.63 -9.77
C HIS C 276 11.92 -27.74 -11.01
N ASP C 277 11.58 -28.97 -11.40
CA ASP C 277 10.85 -29.18 -12.64
C ASP C 277 9.46 -28.54 -12.60
N ASN C 278 8.79 -28.60 -11.45
CA ASN C 278 7.45 -28.06 -11.32
C ASN C 278 7.41 -26.54 -11.43
N ILE C 279 8.56 -25.86 -11.34
CA ILE C 279 8.63 -24.41 -11.32
C ILE C 279 9.33 -23.95 -12.59
N ILE C 280 8.70 -23.00 -13.29
CA ILE C 280 9.26 -22.48 -14.55
C ILE C 280 9.31 -20.96 -14.50
N CYS C 281 8.74 -20.36 -13.46
CA CYS C 281 8.73 -18.91 -13.34
C CYS C 281 10.12 -18.40 -12.99
N GLY C 282 10.36 -17.12 -13.32
CA GLY C 282 11.66 -16.51 -13.07
C GLY C 282 11.72 -15.82 -11.72
N ILE C 283 12.86 -15.97 -11.05
CA ILE C 283 13.04 -15.41 -9.72
C ILE C 283 13.19 -13.90 -9.81
N THR C 284 12.52 -13.18 -8.91
CA THR C 284 12.62 -11.73 -8.85
C THR C 284 13.43 -11.22 -7.66
N SER C 285 13.68 -12.04 -6.64
CA SER C 285 14.44 -11.59 -5.48
C SER C 285 14.98 -12.80 -4.72
N VAL C 286 16.19 -12.66 -4.20
CA VAL C 286 16.84 -13.69 -3.40
C VAL C 286 17.43 -13.04 -2.16
N SER C 287 17.63 -13.84 -1.13
CA SER C 287 18.19 -13.35 0.12
C SER C 287 18.57 -14.53 1.00
N PHE C 288 19.73 -14.42 1.66
CA PHE C 288 20.24 -15.50 2.49
C PHE C 288 19.63 -15.43 3.89
N SER C 289 20.17 -16.21 4.82
CA SER C 289 19.80 -16.18 6.23
C SER C 289 20.98 -15.69 7.07
N LYS C 290 20.75 -15.59 8.37
CA LYS C 290 21.79 -15.07 9.26
C LYS C 290 22.95 -16.05 9.37
N SER C 291 22.68 -17.35 9.46
CA SER C 291 23.73 -18.36 9.54
C SER C 291 24.08 -18.95 8.19
N GLY C 292 23.49 -18.44 7.10
CA GLY C 292 23.79 -18.93 5.78
C GLY C 292 23.32 -20.35 5.51
N ARG C 293 22.12 -20.71 5.99
CA ARG C 293 21.57 -22.04 5.82
C ARG C 293 20.33 -22.07 4.95
N LEU C 294 19.53 -21.00 4.94
CA LEU C 294 18.33 -20.94 4.14
C LEU C 294 18.47 -19.85 3.09
N LEU C 295 18.04 -20.17 1.87
CA LEU C 295 18.05 -19.23 0.74
C LEU C 295 16.60 -18.99 0.35
N LEU C 296 15.95 -18.03 0.99
CA LEU C 296 14.53 -17.78 0.79
C LEU C 296 14.34 -16.97 -0.48
N ALA C 297 13.94 -17.63 -1.56
CA ALA C 297 13.78 -17.00 -2.86
C ALA C 297 12.33 -16.69 -3.15
N GLY C 298 12.09 -15.57 -3.81
CA GLY C 298 10.77 -15.20 -4.27
C GLY C 298 10.56 -15.60 -5.71
N TYR C 299 9.31 -15.91 -6.06
CA TYR C 299 8.99 -16.44 -7.37
C TYR C 299 7.89 -15.62 -8.03
N ASP C 300 7.90 -15.60 -9.35
CA ASP C 300 6.85 -14.94 -10.12
C ASP C 300 5.56 -15.75 -10.13
N ASP C 301 5.57 -16.97 -9.58
CA ASP C 301 4.42 -17.87 -9.59
C ASP C 301 3.58 -17.74 -8.32
N PHE C 302 3.49 -16.55 -7.74
CA PHE C 302 2.58 -16.17 -6.66
C PHE C 302 2.97 -16.74 -5.30
N ASN C 303 4.16 -17.30 -5.14
CA ASN C 303 4.54 -17.92 -3.88
C ASN C 303 6.04 -17.78 -3.67
N CYS C 304 6.49 -18.22 -2.50
CA CYS C 304 7.91 -18.19 -2.14
C CYS C 304 8.34 -19.57 -1.68
N ASN C 305 9.62 -19.87 -1.87
CA ASN C 305 10.21 -21.14 -1.47
C ASN C 305 11.37 -20.90 -0.53
N VAL C 306 11.66 -21.89 0.29
CA VAL C 306 12.76 -21.82 1.26
C VAL C 306 13.69 -22.98 0.93
N TRP C 307 14.67 -22.74 0.07
CA TRP C 307 15.63 -23.77 -0.30
C TRP C 307 16.65 -23.96 0.81
N ASP C 308 17.02 -25.20 1.06
CA ASP C 308 18.18 -25.47 1.90
C ASP C 308 19.44 -25.08 1.13
N ALA C 309 20.27 -24.25 1.74
CA ALA C 309 21.38 -23.65 1.00
C ALA C 309 22.50 -24.64 0.70
N LEU C 310 22.55 -25.77 1.38
CA LEU C 310 23.66 -26.70 1.24
C LEU C 310 23.31 -27.99 0.53
N LYS C 311 22.08 -28.50 0.69
CA LYS C 311 21.70 -29.78 0.11
C LYS C 311 20.83 -29.65 -1.13
N ALA C 312 20.51 -28.42 -1.55
CA ALA C 312 19.80 -28.15 -2.80
C ALA C 312 18.41 -28.77 -2.83
N ASP C 313 17.79 -28.97 -1.67
CA ASP C 313 16.45 -29.52 -1.58
C ASP C 313 15.53 -28.52 -0.91
N ARG C 314 14.26 -28.54 -1.32
CA ARG C 314 13.29 -27.61 -0.75
C ARG C 314 12.99 -27.97 0.69
N ALA C 315 12.55 -26.97 1.46
CA ALA C 315 12.29 -27.17 2.88
C ALA C 315 11.03 -26.47 3.36
N GLY C 316 10.21 -25.90 2.48
CA GLY C 316 9.00 -25.24 2.91
C GLY C 316 8.41 -24.41 1.78
N VAL C 317 7.40 -23.63 2.15
CA VAL C 317 6.74 -22.74 1.19
C VAL C 317 6.10 -21.58 1.96
N LEU C 318 6.37 -20.36 1.51
CA LEU C 318 5.78 -19.15 2.09
C LEU C 318 4.59 -18.69 1.25
N ALA C 319 3.61 -19.57 1.08
CA ALA C 319 2.44 -19.22 0.30
C ALA C 319 1.57 -18.20 1.04
N GLY C 320 0.77 -17.47 0.28
CA GLY C 320 -0.14 -16.52 0.88
C GLY C 320 -0.35 -15.22 0.12
N HIS C 321 0.41 -15.01 -0.94
CA HIS C 321 0.30 -13.78 -1.72
C HIS C 321 -0.60 -13.98 -2.94
N ASP C 322 -1.31 -12.92 -3.29
CA ASP C 322 -2.27 -12.94 -4.38
C ASP C 322 -1.70 -12.47 -5.71
N ASN C 323 -0.40 -12.19 -5.77
CA ASN C 323 0.25 -11.77 -7.00
C ASN C 323 1.75 -11.97 -6.85
N ARG C 324 2.50 -11.57 -7.87
CA ARG C 324 3.94 -11.79 -7.86
C ARG C 324 4.61 -11.01 -6.73
N VAL C 325 5.60 -11.63 -6.10
CA VAL C 325 6.35 -11.00 -5.02
C VAL C 325 7.54 -10.26 -5.62
N SER C 326 7.70 -9.00 -5.24
CA SER C 326 8.73 -8.15 -5.81
C SER C 326 9.87 -7.83 -4.86
N CYS C 327 9.84 -8.32 -3.62
CA CYS C 327 10.90 -8.03 -2.68
C CYS C 327 10.90 -9.06 -1.56
N LEU C 328 12.06 -9.22 -0.93
CA LEU C 328 12.23 -10.10 0.22
C LEU C 328 13.55 -9.76 0.89
N GLY C 329 13.56 -9.76 2.22
CA GLY C 329 14.79 -9.50 2.95
C GLY C 329 14.72 -9.76 4.43
N VAL C 330 15.66 -10.53 4.96
CA VAL C 330 15.69 -10.87 6.38
C VAL C 330 16.27 -9.71 7.16
N THR C 331 16.12 -9.74 8.48
CA THR C 331 16.58 -8.64 9.33
C THR C 331 18.09 -8.76 9.57
N ASP C 332 18.62 -7.90 10.43
CA ASP C 332 20.04 -7.94 10.74
C ASP C 332 20.38 -9.07 11.69
N ASP C 333 19.48 -9.38 12.62
CA ASP C 333 19.69 -10.45 13.59
C ASP C 333 18.97 -11.74 13.22
N GLY C 334 18.43 -11.82 12.01
CA GLY C 334 17.85 -13.05 11.52
C GLY C 334 16.63 -13.52 12.29
N MET C 335 15.71 -12.61 12.58
CA MET C 335 14.53 -12.94 13.38
C MET C 335 13.23 -12.89 12.61
N ALA C 336 13.10 -11.99 11.63
CA ALA C 336 11.86 -11.84 10.87
C ALA C 336 12.17 -11.88 9.38
N VAL C 337 11.12 -11.96 8.57
CA VAL C 337 11.20 -11.94 7.12
C VAL C 337 10.09 -11.04 6.60
N ALA C 338 10.40 -10.17 5.66
CA ALA C 338 9.43 -9.23 5.11
C ALA C 338 9.35 -9.39 3.60
N THR C 339 8.13 -9.53 3.10
CA THR C 339 7.88 -9.67 1.66
C THR C 339 6.74 -8.76 1.25
N GLY C 340 6.91 -8.09 0.12
CA GLY C 340 5.86 -7.25 -0.44
C GLY C 340 5.62 -7.58 -1.89
N SER C 341 4.36 -7.62 -2.27
CA SER C 341 3.98 -8.04 -3.62
C SER C 341 3.24 -6.91 -4.33
N TRP C 342 2.73 -7.23 -5.52
CA TRP C 342 2.03 -6.24 -6.34
C TRP C 342 0.58 -6.01 -5.89
N ASP C 343 0.12 -6.73 -4.88
CA ASP C 343 -1.23 -6.55 -4.36
C ASP C 343 -1.29 -5.49 -3.27
N SER C 344 -0.19 -4.76 -3.05
CA SER C 344 -0.13 -3.66 -2.07
C SER C 344 -0.31 -4.17 -0.64
N PHE C 345 0.40 -5.25 -0.31
CA PHE C 345 0.38 -5.78 1.05
C PHE C 345 1.79 -6.19 1.43
N LEU C 346 2.22 -5.83 2.63
CA LEU C 346 3.49 -6.25 3.19
C LEU C 346 3.22 -7.11 4.42
N LYS C 347 3.78 -8.32 4.42
CA LYS C 347 3.52 -9.29 5.48
C LYS C 347 4.83 -9.66 6.16
N ILE C 348 4.79 -9.74 7.49
CA ILE C 348 5.96 -10.04 8.30
C ILE C 348 5.85 -11.48 8.78
N TRP C 349 6.63 -12.37 8.18
CA TRP C 349 6.67 -13.75 8.63
C TRP C 349 7.59 -13.86 9.85
N ASN C 350 7.76 -15.09 10.34
CA ASN C 350 8.62 -15.32 11.49
C ASN C 350 8.99 -16.80 11.59
N ALA D 7 38.30 3.00 -34.93
CA ALA D 7 36.91 3.05 -34.47
C ALA D 7 36.68 2.08 -33.33
N SER D 8 36.58 0.79 -33.67
CA SER D 8 36.36 -0.25 -32.68
C SER D 8 37.64 -0.80 -32.08
N ILE D 9 38.80 -0.26 -32.48
CA ILE D 9 40.07 -0.76 -31.96
C ILE D 9 40.17 -0.51 -30.46
N ALA D 10 39.61 0.60 -29.98
CA ALA D 10 39.63 0.89 -28.55
C ALA D 10 38.87 -0.16 -27.76
N GLN D 11 37.70 -0.59 -28.27
CA GLN D 11 36.92 -1.62 -27.59
C GLN D 11 37.68 -2.94 -27.53
N ALA D 12 38.32 -3.32 -28.64
CA ALA D 12 39.10 -4.56 -28.65
C ALA D 12 40.27 -4.48 -27.68
N ARG D 13 40.96 -3.35 -27.65
CA ARG D 13 42.06 -3.18 -26.71
C ARG D 13 41.58 -3.26 -25.26
N LYS D 14 40.44 -2.63 -24.98
CA LYS D 14 39.88 -2.69 -23.63
C LYS D 14 39.51 -4.13 -23.24
N LEU D 15 38.90 -4.86 -24.18
CA LEU D 15 38.55 -6.26 -23.90
C LEU D 15 39.80 -7.10 -23.65
N VAL D 16 40.85 -6.88 -24.45
CA VAL D 16 42.09 -7.63 -24.27
C VAL D 16 42.70 -7.31 -22.90
N GLU D 17 42.71 -6.03 -22.52
CA GLU D 17 43.25 -5.66 -21.23
C GLU D 17 42.44 -6.27 -20.08
N GLN D 18 41.11 -6.25 -20.20
CA GLN D 18 40.27 -6.82 -19.16
C GLN D 18 40.49 -8.32 -19.03
N LEU D 19 40.61 -9.02 -20.15
CA LEU D 19 40.88 -10.46 -20.10
C LEU D 19 42.24 -10.75 -19.50
N LYS D 20 43.25 -9.93 -19.84
CA LYS D 20 44.57 -10.10 -19.26
C LYS D 20 44.54 -9.89 -17.75
N MET D 21 43.80 -8.89 -17.30
CA MET D 21 43.67 -8.66 -15.86
C MET D 21 42.96 -9.82 -15.18
N GLU D 22 41.89 -10.32 -15.79
CA GLU D 22 41.11 -11.40 -15.17
C GLU D 22 41.90 -12.69 -15.11
N ALA D 23 42.70 -12.98 -16.13
CA ALA D 23 43.42 -14.25 -16.20
C ALA D 23 44.55 -14.35 -15.18
N ASN D 24 44.89 -13.27 -14.49
CA ASN D 24 46.00 -13.28 -13.56
C ASN D 24 45.60 -13.55 -12.11
N ILE D 25 44.34 -13.87 -11.86
CA ILE D 25 43.85 -14.11 -10.50
C ILE D 25 44.41 -15.42 -9.98
N ASP D 26 44.28 -15.65 -8.68
CA ASP D 26 44.72 -16.88 -8.02
C ASP D 26 43.50 -17.68 -7.60
N ARG D 27 43.52 -18.98 -7.90
CA ARG D 27 42.38 -19.86 -7.69
C ARG D 27 42.76 -21.03 -6.80
N ILE D 28 41.76 -21.58 -6.11
CA ILE D 28 41.94 -22.68 -5.18
C ILE D 28 40.93 -23.77 -5.50
N LYS D 29 41.16 -24.95 -4.93
CA LYS D 29 40.27 -26.08 -5.12
C LYS D 29 38.92 -25.82 -4.48
N VAL D 30 37.87 -26.39 -5.08
CA VAL D 30 36.51 -26.19 -4.59
C VAL D 30 36.32 -26.80 -3.21
N SER D 31 37.10 -27.85 -2.89
CA SER D 31 36.93 -28.53 -1.62
C SER D 31 37.20 -27.61 -0.44
N LYS D 32 38.19 -26.73 -0.56
CA LYS D 32 38.48 -25.79 0.52
C LYS D 32 37.30 -24.85 0.76
N ALA D 33 36.72 -24.32 -0.31
CA ALA D 33 35.58 -23.42 -0.16
C ALA D 33 34.37 -24.15 0.41
N ALA D 34 34.14 -25.40 -0.03
CA ALA D 34 33.04 -26.18 0.52
C ALA D 34 33.25 -26.43 2.01
N ALA D 35 34.48 -26.75 2.42
CA ALA D 35 34.77 -26.94 3.83
C ALA D 35 34.56 -25.66 4.62
N ASP D 36 34.95 -24.51 4.05
CA ASP D 36 34.72 -23.23 4.71
C ASP D 36 33.23 -22.97 4.90
N LEU D 37 32.44 -23.22 3.85
CA LEU D 37 31.00 -23.03 3.95
C LEU D 37 30.39 -23.94 5.02
N MET D 38 30.81 -25.21 5.04
CA MET D 38 30.28 -26.13 6.04
C MET D 38 30.67 -25.70 7.44
N ALA D 39 31.92 -25.26 7.63
CA ALA D 39 32.36 -24.83 8.95
C ALA D 39 31.59 -23.60 9.43
N TYR D 40 31.39 -22.62 8.55
CA TYR D 40 30.62 -21.45 8.94
C TYR D 40 29.18 -21.81 9.26
N CYS D 41 28.58 -22.70 8.45
CA CYS D 41 27.19 -23.09 8.70
C CYS D 41 27.05 -23.80 10.03
N GLU D 42 27.99 -24.69 10.37
CA GLU D 42 27.85 -25.45 11.60
C GLU D 42 28.21 -24.63 12.84
N ALA D 43 29.19 -23.73 12.71
CA ALA D 43 29.66 -22.98 13.88
C ALA D 43 28.60 -22.03 14.41
N HIS D 44 27.89 -21.35 13.52
CA HIS D 44 26.95 -20.29 13.88
C HIS D 44 25.51 -20.78 13.89
N ALA D 45 25.27 -22.03 14.27
CA ALA D 45 23.94 -22.63 14.20
C ALA D 45 23.08 -22.34 15.42
N LYS D 46 23.61 -21.63 16.42
CA LYS D 46 22.86 -21.42 17.66
C LYS D 46 22.16 -20.07 17.72
N GLU D 47 22.51 -19.12 16.86
CA GLU D 47 21.89 -17.80 16.87
C GLU D 47 21.08 -17.52 15.61
N ASP D 48 20.60 -18.56 14.94
CA ASP D 48 19.79 -18.45 13.73
C ASP D 48 18.36 -18.86 14.07
N PRO D 49 17.50 -17.94 14.49
CA PRO D 49 16.15 -18.32 14.94
C PRO D 49 15.17 -18.63 13.83
N LEU D 50 15.62 -18.80 12.59
CA LEU D 50 14.70 -19.14 11.51
C LEU D 50 14.61 -20.63 11.26
N LEU D 51 15.74 -21.34 11.35
CA LEU D 51 15.74 -22.79 11.20
C LEU D 51 15.45 -23.52 12.50
N THR D 52 15.26 -22.78 13.60
CA THR D 52 14.86 -23.35 14.88
C THR D 52 13.61 -22.64 15.37
N PRO D 53 12.68 -23.36 15.99
CA PRO D 53 11.48 -22.70 16.51
C PRO D 53 11.76 -21.91 17.79
N VAL D 54 11.75 -20.60 17.69
CA VAL D 54 12.00 -19.76 18.86
C VAL D 54 10.81 -19.85 19.82
N PRO D 55 11.03 -19.97 21.13
CA PRO D 55 9.90 -20.01 22.07
C PRO D 55 9.12 -18.70 22.04
N ALA D 56 7.82 -18.81 22.29
CA ALA D 56 6.95 -17.64 22.27
C ALA D 56 7.29 -16.62 23.35
N SER D 57 8.02 -17.03 24.38
CA SER D 57 8.41 -16.09 25.42
C SER D 57 9.42 -15.08 24.92
N GLU D 58 10.32 -15.49 24.02
CA GLU D 58 11.35 -14.62 23.47
C GLU D 58 10.98 -14.08 22.09
N ASN D 59 9.70 -14.10 21.73
CA ASN D 59 9.28 -13.65 20.42
C ASN D 59 8.63 -12.28 20.53
N PRO D 60 9.21 -11.22 19.96
CA PRO D 60 8.57 -9.91 20.02
C PRO D 60 7.40 -9.74 19.05
N PHE D 61 7.26 -10.62 18.07
CA PHE D 61 6.18 -10.54 17.10
C PHE D 61 4.93 -11.31 17.52
N ARG D 62 4.97 -11.99 18.66
CA ARG D 62 3.83 -12.80 19.11
C ARG D 62 2.60 -11.95 19.35
N ASP E 1 16.31 32.44 13.26
CA ASP E 1 15.93 31.04 13.16
C ASP E 1 14.63 30.75 13.90
N VAL E 2 14.59 29.64 14.63
CA VAL E 2 13.41 29.29 15.40
C VAL E 2 13.24 30.26 16.56
N GLN E 3 12.01 30.73 16.74
CA GLN E 3 11.72 31.67 17.82
C GLN E 3 10.26 31.53 18.23
N LEU E 4 10.02 31.45 19.54
CA LEU E 4 8.67 31.50 20.09
C LEU E 4 8.57 32.77 20.92
N VAL E 5 8.28 33.88 20.26
CA VAL E 5 8.09 35.15 20.95
C VAL E 5 6.66 35.21 21.46
N GLU E 6 6.48 35.78 22.65
CA GLU E 6 5.17 35.81 23.27
C GLU E 6 5.04 37.07 24.12
N SER E 7 3.79 37.48 24.34
CA SER E 7 3.52 38.68 25.11
C SER E 7 2.09 38.61 25.62
N GLY E 8 1.79 39.46 26.60
CA GLY E 8 0.45 39.54 27.15
C GLY E 8 0.38 39.58 28.66
N GLY E 9 1.52 39.78 29.31
CA GLY E 9 1.59 39.80 30.76
C GLY E 9 1.66 41.20 31.34
N GLY E 10 1.03 41.37 32.49
CA GLY E 10 1.04 42.66 33.16
C GLY E 10 0.29 42.58 34.46
N LEU E 11 0.31 43.68 35.21
CA LEU E 11 -0.36 43.75 36.49
C LEU E 11 -1.87 43.67 36.30
N VAL E 12 -2.52 42.78 37.04
CA VAL E 12 -3.96 42.56 36.93
C VAL E 12 -4.55 42.52 38.34
N GLN E 13 -5.68 43.19 38.51
CA GLN E 13 -6.36 43.18 39.80
C GLN E 13 -6.93 41.80 40.09
N PRO E 14 -7.09 41.45 41.37
CA PRO E 14 -7.64 40.14 41.72
C PRO E 14 -9.05 39.97 41.16
N GLY E 15 -9.35 38.74 40.75
CA GLY E 15 -10.64 38.41 40.19
C GLY E 15 -10.83 38.79 38.73
N GLY E 16 -9.80 39.34 38.09
CA GLY E 16 -9.91 39.76 36.72
C GLY E 16 -9.67 38.63 35.74
N SER E 17 -9.40 39.00 34.49
CA SER E 17 -9.14 38.04 33.43
C SER E 17 -8.13 38.65 32.47
N ARG E 18 -7.39 37.77 31.78
CA ARG E 18 -6.38 38.21 30.84
C ARG E 18 -6.14 37.09 29.84
N LYS E 19 -5.64 37.46 28.66
CA LYS E 19 -5.34 36.53 27.59
C LYS E 19 -3.87 36.61 27.22
N LEU E 20 -3.25 35.46 26.99
CA LEU E 20 -1.86 35.36 26.61
C LEU E 20 -1.73 34.63 25.28
N SER E 21 -0.72 35.00 24.51
CA SER E 21 -0.48 34.41 23.20
C SER E 21 0.98 34.02 23.06
N CYS E 22 1.21 32.93 22.32
CA CYS E 22 2.55 32.37 22.13
C CYS E 22 2.79 32.27 20.62
N SER E 23 3.30 33.34 20.03
CA SER E 23 3.57 33.37 18.59
C SER E 23 4.73 32.44 18.24
N ALA E 24 4.56 31.70 17.15
CA ALA E 24 5.56 30.72 16.72
C ALA E 24 5.84 30.90 15.25
N SER E 25 7.12 30.84 14.89
CA SER E 25 7.54 30.96 13.50
C SER E 25 8.87 30.24 13.32
N GLY E 26 9.11 29.78 12.09
CA GLY E 26 10.35 29.11 11.74
C GLY E 26 10.25 27.60 11.60
N PHE E 27 9.14 27.00 12.02
CA PHE E 27 8.96 25.56 11.90
C PHE E 27 7.51 25.25 11.55
N ALA E 28 7.20 23.97 11.38
CA ALA E 28 5.86 23.52 11.03
C ALA E 28 5.03 23.40 12.31
N PHE E 29 4.42 24.52 12.70
CA PHE E 29 3.61 24.59 13.90
C PHE E 29 2.35 23.72 13.81
N SER E 30 1.97 23.27 12.62
CA SER E 30 0.72 22.55 12.46
C SER E 30 0.75 21.13 13.02
N SER E 31 1.92 20.59 13.32
CA SER E 31 2.04 19.22 13.80
C SER E 31 2.97 19.13 15.00
N PHE E 32 2.82 20.04 15.95
CA PHE E 32 3.62 20.07 17.17
C PHE E 32 2.70 20.30 18.36
N GLY E 33 2.85 19.48 19.39
CA GLY E 33 2.10 19.71 20.62
C GLY E 33 2.64 20.91 21.37
N MET E 34 1.77 21.58 22.11
CA MET E 34 2.12 22.79 22.83
C MET E 34 1.72 22.65 24.29
N HIS E 35 2.64 22.95 25.19
CA HIS E 35 2.42 22.91 26.63
C HIS E 35 2.39 24.32 27.19
N TRP E 36 2.26 24.40 28.51
CA TRP E 36 2.31 25.67 29.23
C TRP E 36 2.80 25.36 30.63
N VAL E 37 4.00 25.83 30.98
CA VAL E 37 4.61 25.59 32.27
C VAL E 37 4.87 26.93 32.95
N ARG E 38 4.66 26.98 34.25
CA ARG E 38 4.79 28.21 35.01
C ARG E 38 5.77 28.04 36.15
N GLN E 39 6.24 29.16 36.69
CA GLN E 39 7.23 29.13 37.76
C GLN E 39 7.02 30.32 38.67
N ALA E 40 6.84 30.06 39.96
CA ALA E 40 6.63 31.10 40.94
C ALA E 40 7.91 31.94 41.11
N PRO E 41 7.80 33.13 41.70
CA PRO E 41 9.01 33.94 41.91
C PRO E 41 10.07 33.25 42.75
N GLU E 42 9.69 32.38 43.67
CA GLU E 42 10.63 31.71 44.57
C GLU E 42 10.64 30.20 44.46
N LYS E 43 9.48 29.58 44.19
CA LYS E 43 9.38 28.13 44.19
C LYS E 43 9.93 27.56 42.88
N GLY E 44 9.71 26.26 42.67
CA GLY E 44 10.17 25.59 41.48
C GLY E 44 9.10 25.52 40.39
N LEU E 45 9.42 24.81 39.33
CA LEU E 45 8.53 24.72 38.18
C LEU E 45 7.26 23.97 38.54
N GLU E 46 6.20 24.24 37.77
CA GLU E 46 4.92 23.59 37.93
C GLU E 46 4.38 23.23 36.55
N TRP E 47 3.17 22.66 36.52
CA TRP E 47 2.52 22.29 35.28
C TRP E 47 1.15 22.97 35.22
N VAL E 48 0.76 23.40 34.02
CA VAL E 48 -0.47 24.17 33.88
C VAL E 48 -1.45 23.52 32.91
N ALA E 49 -1.05 23.36 31.65
CA ALA E 49 -1.98 22.87 30.63
C ALA E 49 -1.20 22.24 29.49
N TYR E 50 -1.94 21.56 28.60
CA TYR E 50 -1.36 20.91 27.44
C TYR E 50 -2.43 20.73 26.38
N ILE E 51 -2.04 20.88 25.11
CA ILE E 51 -2.92 20.63 23.98
C ILE E 51 -2.14 19.86 22.91
N SER E 52 -2.79 18.87 22.30
CA SER E 52 -2.13 17.99 21.36
C SER E 52 -2.17 18.57 19.96
N SER E 53 -1.83 17.76 18.97
CA SER E 53 -1.90 18.15 17.57
C SER E 53 -3.29 17.83 17.02
N GLY E 54 -3.93 18.84 16.41
CA GLY E 54 -5.28 18.68 15.93
C GLY E 54 -6.35 18.88 16.98
N SER E 55 -5.99 19.35 18.17
CA SER E 55 -6.91 19.64 19.26
C SER E 55 -7.67 18.40 19.71
N GLY E 56 -7.12 17.21 19.48
CA GLY E 56 -7.81 15.99 19.84
C GLY E 56 -7.94 15.79 21.34
N THR E 57 -6.83 15.96 22.06
CA THR E 57 -6.78 15.67 23.50
C THR E 57 -6.28 16.89 24.25
N ILE E 58 -6.92 17.16 25.40
CA ILE E 58 -6.54 18.27 26.27
C ILE E 58 -6.57 17.79 27.71
N TYR E 59 -5.56 18.17 28.49
CA TYR E 59 -5.48 17.84 29.91
C TYR E 59 -5.32 19.12 30.72
N TYR E 60 -5.53 18.99 32.03
CA TYR E 60 -5.38 20.11 32.94
C TYR E 60 -4.91 19.61 34.29
N ALA E 61 -4.30 20.50 35.06
CA ALA E 61 -3.80 20.17 36.38
C ALA E 61 -4.94 20.19 37.40
N ASP E 62 -4.61 19.89 38.66
CA ASP E 62 -5.64 19.79 39.68
C ASP E 62 -6.18 21.15 40.08
N THR E 63 -5.30 22.14 40.24
CA THR E 63 -5.69 23.45 40.74
C THR E 63 -6.13 24.41 39.65
N VAL E 64 -6.17 23.98 38.40
CA VAL E 64 -6.48 24.86 37.27
C VAL E 64 -7.71 24.42 36.51
N LYS E 65 -8.23 23.21 36.75
CA LYS E 65 -9.33 22.68 35.94
C LYS E 65 -10.53 23.61 35.98
N GLY E 66 -11.07 23.92 34.80
CA GLY E 66 -12.20 24.81 34.65
C GLY E 66 -11.85 26.28 34.54
N ARG E 67 -10.84 26.72 35.30
CA ARG E 67 -10.52 28.15 35.32
C ARG E 67 -9.88 28.60 34.02
N PHE E 68 -8.88 27.87 33.52
CA PHE E 68 -8.16 28.25 32.33
C PHE E 68 -8.51 27.31 31.19
N THR E 69 -8.33 27.82 29.96
CA THR E 69 -8.58 27.02 28.77
C THR E 69 -7.46 27.25 27.76
N ILE E 70 -6.99 26.17 27.14
CA ILE E 70 -5.92 26.22 26.15
C ILE E 70 -6.54 25.97 24.78
N SER E 71 -6.33 26.90 23.86
CA SER E 71 -6.87 26.80 22.51
C SER E 71 -5.84 27.28 21.51
N ARG E 72 -5.93 26.76 20.29
CA ARG E 72 -5.01 27.13 19.22
C ARG E 72 -5.54 28.31 18.42
N LYS E 76 -2.60 32.47 11.53
CA LYS E 76 -2.25 31.16 12.04
C LYS E 76 -0.93 31.20 12.81
N ASN E 77 -0.43 30.02 13.17
CA ASN E 77 0.82 29.88 13.94
C ASN E 77 0.76 30.68 15.24
N THR E 78 -0.37 30.60 15.92
CA THR E 78 -0.57 31.34 17.17
C THR E 78 -1.31 30.46 18.18
N LEU E 79 -0.82 30.43 19.41
CA LEU E 79 -1.42 29.66 20.48
C LEU E 79 -1.96 30.57 21.56
N PHE E 80 -3.06 30.15 22.19
CA PHE E 80 -3.78 30.98 23.15
C PHE E 80 -4.00 30.21 24.44
N LEU E 81 -4.24 30.96 25.51
CA LEU E 81 -4.57 30.37 26.81
C LEU E 81 -5.40 31.41 27.57
N GLN E 82 -6.71 31.18 27.61
CA GLN E 82 -7.62 32.11 28.26
C GLN E 82 -7.56 31.95 29.78
N MET E 83 -7.43 33.06 30.48
CA MET E 83 -7.27 33.08 31.93
C MET E 83 -8.44 33.80 32.56
N THR E 84 -9.05 33.18 33.57
CA THR E 84 -10.19 33.75 34.27
C THR E 84 -10.01 33.59 35.77
N SER E 85 -10.58 34.53 36.52
CA SER E 85 -10.64 34.48 37.98
C SER E 85 -9.25 34.37 38.59
N LEU E 86 -8.45 35.42 38.38
CA LEU E 86 -7.08 35.43 38.88
C LEU E 86 -7.06 35.43 40.40
N ARG E 87 -6.08 34.72 40.97
CA ARG E 87 -5.90 34.66 42.42
C ARG E 87 -4.43 34.91 42.75
N SER E 88 -4.11 34.85 44.05
CA SER E 88 -2.78 35.23 44.52
C SER E 88 -1.70 34.29 44.00
N GLU E 89 -1.97 32.99 43.97
CA GLU E 89 -0.97 32.01 43.57
C GLU E 89 -0.69 32.05 42.08
N ASP E 90 -1.47 32.80 41.30
CA ASP E 90 -1.30 32.80 39.85
C ASP E 90 -0.07 33.58 39.40
N THR E 91 0.50 34.41 40.26
CA THR E 91 1.64 35.21 39.86
C THR E 91 2.86 34.33 39.59
N ALA E 92 3.42 34.45 38.40
CA ALA E 92 4.52 33.60 37.94
C ALA E 92 5.10 34.23 36.67
N MET E 93 5.93 33.47 35.96
CA MET E 93 6.43 33.85 34.64
C MET E 93 6.19 32.67 33.71
N TYR E 94 5.10 32.71 32.95
CA TYR E 94 4.67 31.54 32.19
C TYR E 94 5.54 31.33 30.96
N TYR E 95 5.85 30.08 30.67
CA TYR E 95 6.67 29.70 29.52
C TYR E 95 5.85 28.93 28.50
N CYS E 96 6.42 28.78 27.31
CA CYS E 96 5.76 28.10 26.19
C CYS E 96 6.71 27.03 25.69
N VAL E 97 6.24 25.78 25.62
CA VAL E 97 7.09 24.63 25.34
C VAL E 97 6.45 23.78 24.25
N ARG E 98 7.21 23.49 23.21
CA ARG E 98 6.77 22.57 22.16
C ARG E 98 7.20 21.14 22.48
N SER E 99 6.59 20.19 21.77
CA SER E 99 6.93 18.79 21.93
C SER E 99 6.29 17.99 20.81
N ILE E 100 7.05 17.07 20.22
CA ILE E 100 6.57 16.19 19.17
C ILE E 100 6.84 14.75 19.59
N TYR E 101 5.82 13.90 19.52
CA TYR E 101 5.92 12.53 20.02
C TYR E 101 5.81 11.54 18.88
N TYR E 102 6.85 10.73 18.71
CA TYR E 102 6.81 9.51 17.91
C TYR E 102 8.03 8.68 18.32
N TYR E 103 8.24 7.56 17.63
CA TYR E 103 9.31 6.66 18.04
C TYR E 103 10.67 7.28 17.73
N GLY E 104 11.40 7.64 18.78
CA GLY E 104 12.70 8.27 18.64
C GLY E 104 12.71 9.78 18.70
N SER E 105 11.61 10.40 19.13
CA SER E 105 11.52 11.85 19.16
C SER E 105 12.08 12.40 20.46
N SER E 106 12.18 13.73 20.52
CA SER E 106 12.81 14.45 21.63
C SER E 106 11.85 15.49 22.18
N PRO E 107 10.94 15.10 23.06
CA PRO E 107 9.96 16.05 23.58
C PRO E 107 10.59 17.14 24.44
N PHE E 108 9.85 18.23 24.61
CA PHE E 108 10.26 19.36 25.44
C PHE E 108 11.58 19.96 24.95
N ASP E 109 11.65 20.22 23.65
CA ASP E 109 12.91 20.65 23.06
C ASP E 109 13.16 22.15 23.27
N PHE E 110 12.27 22.99 22.76
CA PHE E 110 12.48 24.42 22.72
C PHE E 110 11.54 25.14 23.69
N TRP E 111 12.07 26.15 24.37
CA TRP E 111 11.31 26.96 25.32
C TRP E 111 11.31 28.41 24.85
N GLY E 112 10.27 29.14 25.23
CA GLY E 112 10.12 30.52 24.81
C GLY E 112 10.98 31.46 25.63
N GLN E 113 10.40 32.61 26.04
CA GLN E 113 11.13 33.55 26.88
C GLN E 113 10.33 34.07 28.06
N GLY E 114 9.04 33.79 28.16
CA GLY E 114 8.30 34.08 29.36
C GLY E 114 7.60 35.42 29.39
N THR E 115 6.42 35.46 30.00
CA THR E 115 5.63 36.69 30.17
C THR E 115 5.30 36.85 31.65
N THR E 116 6.01 37.76 32.31
CA THR E 116 5.79 37.98 33.74
C THR E 116 4.37 38.49 33.98
N LEU E 117 3.68 37.85 34.92
CA LEU E 117 2.34 38.25 35.30
C LEU E 117 2.27 38.32 36.82
N THR E 118 1.71 39.40 37.35
CA THR E 118 1.59 39.61 38.79
C THR E 118 0.16 39.99 39.13
N VAL E 119 -0.28 39.57 40.31
CA VAL E 119 -1.61 39.89 40.82
C VAL E 119 -1.47 40.32 42.27
N SER E 120 -2.06 41.47 42.60
CA SER E 120 -2.04 41.97 43.98
C SER E 120 -3.23 41.44 44.77
N GLY E 135 -0.85 10.75 47.05
CA GLY E 135 -1.95 10.25 46.25
C GLY E 135 -1.50 9.58 44.97
N SER E 136 -2.36 9.62 43.95
CA SER E 136 -2.02 9.02 42.67
C SER E 136 -0.95 9.80 41.91
N ASP E 137 -0.61 11.01 42.36
CA ASP E 137 0.42 11.80 41.70
C ASP E 137 1.80 11.27 42.08
N ILE E 138 2.65 11.06 41.08
CA ILE E 138 4.02 10.64 41.32
C ILE E 138 4.78 11.82 41.91
N VAL E 139 5.37 11.63 43.08
CA VAL E 139 6.09 12.68 43.80
C VAL E 139 7.58 12.46 43.62
N MET E 140 8.30 13.53 43.29
CA MET E 140 9.74 13.52 43.11
C MET E 140 10.40 14.32 44.21
N THR E 141 11.50 13.81 44.74
CA THR E 141 12.21 14.48 45.82
C THR E 141 13.70 14.59 45.48
N GLN E 142 14.27 15.75 45.78
CA GLN E 142 15.71 15.98 45.66
C GLN E 142 16.22 16.48 47.00
N ALA E 143 17.02 15.66 47.68
CA ALA E 143 17.50 16.01 49.02
C ALA E 143 18.47 17.17 48.97
N THR E 144 19.36 17.21 47.98
CA THR E 144 20.39 18.23 47.88
C THR E 144 19.76 19.53 47.39
N SER E 145 19.24 20.32 48.34
CA SER E 145 18.66 21.60 47.97
C SER E 145 19.72 22.57 47.45
N SER E 146 20.89 22.58 48.08
CA SER E 146 22.00 23.42 47.65
C SER E 146 23.31 22.65 47.79
N VAL E 147 24.18 22.78 46.80
CA VAL E 147 25.46 22.07 46.80
C VAL E 147 26.58 23.01 46.40
N PRO E 148 27.55 23.27 47.28
CA PRO E 148 28.70 24.11 46.90
C PRO E 148 29.80 23.31 46.23
N VAL E 149 30.10 23.62 44.96
CA VAL E 149 31.14 22.94 44.20
C VAL E 149 32.01 23.97 43.51
N THR E 150 33.32 23.84 43.67
CA THR E 150 34.28 24.70 43.00
C THR E 150 34.50 24.23 41.55
N PRO E 151 34.93 25.13 40.68
CA PRO E 151 35.20 24.73 39.29
C PRO E 151 36.37 23.76 39.21
N GLY E 152 36.35 22.94 38.16
CA GLY E 152 37.38 21.95 37.94
C GLY E 152 37.12 20.61 38.60
N GLU E 153 35.96 20.41 39.22
CA GLU E 153 35.63 19.17 39.90
C GLU E 153 34.47 18.48 39.20
N SER E 154 34.19 17.26 39.63
CA SER E 154 33.08 16.46 39.11
C SER E 154 31.99 16.38 40.18
N VAL E 155 30.74 16.51 39.75
CA VAL E 155 29.62 16.54 40.69
C VAL E 155 28.68 15.38 40.41
N SER E 156 27.64 15.25 41.23
CA SER E 156 26.62 14.22 41.05
C SER E 156 25.34 14.67 41.76
N ILE E 157 24.22 14.47 41.09
CA ILE E 157 22.91 14.85 41.62
C ILE E 157 21.99 13.63 41.53
N SER E 158 21.14 13.47 42.55
CA SER E 158 20.26 12.30 42.65
C SER E 158 18.81 12.74 42.75
N CYS E 159 17.95 12.07 41.99
CA CYS E 159 16.51 12.30 42.02
C CYS E 159 15.81 10.97 42.26
N ARG E 160 14.98 10.92 43.29
CA ARG E 160 14.24 9.73 43.65
C ARG E 160 12.77 9.91 43.29
N SER E 161 12.04 8.79 43.29
CA SER E 161 10.65 8.77 42.86
C SER E 161 9.81 7.95 43.83
N SER E 162 8.50 8.03 43.64
CA SER E 162 7.55 7.23 44.43
C SER E 162 7.24 5.91 43.76
N LYS E 163 6.81 5.95 42.50
CA LYS E 163 6.53 4.77 41.70
C LYS E 163 7.65 4.54 40.71
N SER E 164 7.94 3.28 40.41
CA SER E 164 8.98 2.96 39.45
C SER E 164 8.60 3.46 38.07
N LEU E 165 9.58 4.04 37.37
CA LEU E 165 9.37 4.59 36.04
C LEU E 165 9.88 3.67 34.94
N LEU E 166 10.22 2.42 35.27
CA LEU E 166 10.68 1.45 34.28
C LEU E 166 9.48 0.67 33.79
N HIS E 167 8.88 1.14 32.70
CA HIS E 167 7.71 0.50 32.14
C HIS E 167 8.08 -0.85 31.53
N SER E 168 7.05 -1.64 31.19
CA SER E 168 7.28 -2.95 30.59
C SER E 168 7.92 -2.86 29.22
N ASN E 169 7.82 -1.71 28.55
CA ASN E 169 8.45 -1.53 27.25
C ASN E 169 9.97 -1.49 27.34
N GLY E 170 10.51 -1.23 28.53
CA GLY E 170 11.94 -1.08 28.69
C GLY E 170 12.44 0.34 28.66
N ASN E 171 11.55 1.33 28.70
CA ASN E 171 11.92 2.74 28.66
C ASN E 171 11.58 3.40 29.98
N THR E 172 12.51 4.19 30.50
CA THR E 172 12.26 5.03 31.67
C THR E 172 11.95 6.45 31.22
N TYR E 173 11.11 7.14 32.00
CA TYR E 173 10.57 8.43 31.62
C TYR E 173 11.04 9.55 32.54
N LEU E 174 12.33 9.58 32.85
CA LEU E 174 12.91 10.66 33.64
C LEU E 174 13.53 11.70 32.71
N TYR E 175 13.39 12.98 33.08
CA TYR E 175 13.94 14.08 32.31
C TYR E 175 14.73 14.99 33.23
N TRP E 176 15.82 15.55 32.71
CA TRP E 176 16.69 16.45 33.46
C TRP E 176 16.82 17.77 32.73
N PHE E 177 16.62 18.88 33.45
CA PHE E 177 16.63 20.21 32.86
C PHE E 177 17.68 21.10 33.52
N LEU E 178 18.23 22.01 32.72
CA LEU E 178 19.18 23.02 33.17
C LEU E 178 18.62 24.40 32.91
N GLN E 179 18.65 25.26 33.93
CA GLN E 179 18.21 26.64 33.81
C GLN E 179 19.34 27.53 34.32
N ARG E 180 20.08 28.13 33.38
CA ARG E 180 21.14 29.04 33.75
C ARG E 180 20.53 30.30 34.37
N PRO E 181 21.32 31.05 35.15
CA PRO E 181 20.78 32.29 35.74
C PRO E 181 20.37 33.27 34.66
N GLY E 182 19.15 33.81 34.81
CA GLY E 182 18.63 34.78 33.86
C GLY E 182 18.43 34.26 32.46
N GLN E 183 17.82 33.08 32.31
CA GLN E 183 17.55 32.52 31.00
C GLN E 183 16.36 31.58 31.12
N SER E 184 16.16 30.75 30.10
CA SER E 184 15.08 29.78 30.05
C SER E 184 15.65 28.36 29.99
N PRO E 185 14.97 27.39 30.60
CA PRO E 185 15.55 26.05 30.72
C PRO E 185 15.80 25.40 29.36
N GLN E 186 16.82 24.55 29.33
CA GLN E 186 17.19 23.79 28.15
C GLN E 186 17.25 22.31 28.50
N LEU E 187 16.74 21.47 27.59
CA LEU E 187 16.79 20.03 27.81
C LEU E 187 18.22 19.52 27.77
N LEU E 188 18.55 18.65 28.72
CA LEU E 188 19.90 18.09 28.79
C LEU E 188 19.92 16.58 28.65
N ILE E 189 18.96 15.86 29.24
CA ILE E 189 18.89 14.41 29.15
C ILE E 189 17.43 13.99 29.11
N TYR E 190 17.04 13.23 28.09
CA TYR E 190 15.68 12.75 27.97
C TYR E 190 15.65 11.23 27.99
N ARG E 191 14.66 10.68 28.70
CA ARG E 191 14.50 9.24 28.91
C ARG E 191 15.70 8.64 29.65
N MET E 192 16.35 9.46 30.48
CA MET E 192 17.29 9.01 31.51
C MET E 192 18.60 8.47 30.98
N SER E 193 18.72 8.32 29.65
CA SER E 193 19.97 7.81 29.10
C SER E 193 20.45 8.52 27.85
N ASN E 194 19.63 9.35 27.20
CA ASN E 194 19.97 9.94 25.92
C ASN E 194 20.30 11.43 26.10
N LEU E 195 21.22 11.93 25.27
CA LEU E 195 21.67 13.31 25.32
C LEU E 195 21.07 14.09 24.16
N ALA E 196 20.44 15.21 24.48
CA ALA E 196 19.80 16.02 23.45
C ALA E 196 20.84 16.66 22.55
N SER E 197 20.38 17.13 21.38
CA SER E 197 21.28 17.68 20.38
C SER E 197 21.87 19.00 20.86
N GLY E 198 23.17 19.17 20.62
CA GLY E 198 23.88 20.38 20.97
C GLY E 198 24.55 20.36 22.33
N VAL E 199 24.15 19.46 23.21
CA VAL E 199 24.73 19.39 24.55
C VAL E 199 26.04 18.62 24.48
N PRO E 200 27.13 19.11 25.09
CA PRO E 200 28.39 18.38 25.06
C PRO E 200 28.28 17.06 25.82
N ASP E 201 29.10 16.10 25.43
CA ASP E 201 29.06 14.75 25.98
C ASP E 201 29.53 14.67 27.43
N ARG E 202 29.85 15.80 28.06
CA ARG E 202 30.29 15.77 29.45
C ARG E 202 29.18 15.28 30.37
N PHE E 203 27.95 15.74 30.16
CA PHE E 203 26.85 15.35 31.01
C PHE E 203 26.41 13.92 30.71
N SER E 204 26.13 13.15 31.77
CA SER E 204 25.66 11.78 31.61
C SER E 204 24.75 11.44 32.78
N GLY E 205 23.68 10.72 32.50
CA GLY E 205 22.73 10.33 33.53
C GLY E 205 22.35 8.88 33.39
N SER E 206 22.08 8.25 34.53
CA SER E 206 21.77 6.83 34.57
C SER E 206 20.82 6.57 35.73
N GLY E 207 20.67 5.30 36.10
CA GLY E 207 19.79 4.91 37.19
C GLY E 207 19.07 3.61 36.94
N SER E 208 18.20 3.21 37.86
CA SER E 208 17.44 1.98 37.70
C SER E 208 16.24 2.01 38.63
N GLY E 209 15.04 2.01 38.06
CA GLY E 209 13.83 1.80 38.84
C GLY E 209 13.40 2.98 39.69
N THR E 210 14.18 3.27 40.73
CA THR E 210 13.85 4.35 41.66
C THR E 210 15.01 5.32 41.86
N ALA E 211 16.24 4.83 41.90
CA ALA E 211 17.40 5.68 42.14
C ALA E 211 17.99 6.14 40.81
N PHE E 212 17.93 7.45 40.56
CA PHE E 212 18.49 8.06 39.36
C PHE E 212 19.62 9.01 39.75
N THR E 213 20.66 9.06 38.94
CA THR E 213 21.82 9.88 39.25
C THR E 213 22.43 10.43 37.97
N LEU E 214 22.69 11.73 37.95
CA LEU E 214 23.33 12.40 36.83
C LEU E 214 24.77 12.72 37.18
N THR E 215 25.68 12.45 36.26
CA THR E 215 27.11 12.64 36.47
C THR E 215 27.63 13.75 35.56
N ILE E 216 28.28 14.73 36.16
CA ILE E 216 28.85 15.87 35.44
C ILE E 216 30.37 15.81 35.58
N SER E 217 31.07 15.88 34.46
CA SER E 217 32.53 15.77 34.44
C SER E 217 33.14 17.09 34.02
N ARG E 218 34.18 17.51 34.74
CA ARG E 218 34.95 18.72 34.44
C ARG E 218 34.05 19.95 34.41
N LEU E 219 33.52 20.26 35.61
CA LEU E 219 32.61 21.39 35.75
C LEU E 219 33.25 22.68 35.27
N GLU E 220 32.51 23.44 34.47
CA GLU E 220 32.94 24.73 33.96
C GLU E 220 32.12 25.84 34.62
N ALA E 221 32.55 27.08 34.37
CA ALA E 221 31.86 28.23 34.96
C ALA E 221 30.43 28.34 34.46
N GLU E 222 30.21 28.09 33.16
CA GLU E 222 28.90 28.27 32.55
C GLU E 222 27.89 27.22 32.99
N ASP E 223 28.32 26.17 33.69
CA ASP E 223 27.41 25.11 34.11
C ASP E 223 26.65 25.44 35.39
N VAL E 224 26.90 26.61 35.99
CA VAL E 224 26.17 27.01 37.20
C VAL E 224 24.70 27.24 36.87
N GLY E 225 23.84 26.91 37.83
CA GLY E 225 22.41 27.11 37.67
C GLY E 225 21.58 26.32 38.65
N VAL E 226 20.44 25.82 38.21
CA VAL E 226 19.60 24.94 39.02
C VAL E 226 19.06 23.83 38.12
N TYR E 227 19.08 22.60 38.63
CA TYR E 227 18.72 21.41 37.88
C TYR E 227 17.38 20.87 38.36
N TYR E 228 16.54 20.43 37.42
CA TYR E 228 15.22 19.93 37.74
C TYR E 228 15.05 18.51 37.21
N CYS E 229 14.15 17.76 37.85
CA CYS E 229 13.91 16.37 37.55
C CYS E 229 12.42 16.20 37.25
N MET E 230 12.11 15.64 36.08
CA MET E 230 10.72 15.52 35.65
C MET E 230 10.43 14.10 35.18
N GLN E 231 9.17 13.71 35.32
CA GLN E 231 8.68 12.41 34.86
C GLN E 231 7.66 12.60 33.75
N HIS E 232 7.42 11.53 32.99
CA HIS E 232 6.42 11.57 31.93
C HIS E 232 5.63 10.28 31.86
N LEU E 233 5.51 9.56 32.97
CA LEU E 233 4.80 8.28 32.96
C LEU E 233 3.32 8.47 32.66
N GLU E 234 2.67 9.37 33.39
CA GLU E 234 1.25 9.62 33.20
C GLU E 234 0.92 11.01 33.72
N TYR E 235 0.02 11.69 33.01
CA TYR E 235 -0.39 13.02 33.42
C TYR E 235 -1.13 12.95 34.75
N PRO E 236 -0.98 13.95 35.63
CA PRO E 236 -0.19 15.19 35.48
C PRO E 236 1.30 14.95 35.66
N LEU E 237 2.12 15.93 35.27
CA LEU E 237 3.57 15.84 35.38
C LEU E 237 4.03 16.66 36.58
N THR E 238 4.90 16.08 37.39
CA THR E 238 5.38 16.73 38.60
C THR E 238 6.90 16.87 38.53
N PHE E 239 7.37 18.09 38.74
CA PHE E 239 8.80 18.38 38.74
C PHE E 239 9.40 18.05 40.10
N GLY E 240 10.74 18.01 40.14
CA GLY E 240 11.44 17.88 41.39
C GLY E 240 11.58 19.21 42.10
N ALA E 241 12.22 19.17 43.27
CA ALA E 241 12.40 20.38 44.05
C ALA E 241 13.45 21.30 43.44
N GLY E 242 14.50 20.73 42.86
CA GLY E 242 15.53 21.52 42.21
C GLY E 242 16.80 21.64 43.02
N THR E 243 17.91 21.20 42.44
CA THR E 243 19.22 21.25 43.07
C THR E 243 20.04 22.40 42.48
N LYS E 244 20.54 23.28 43.34
CA LYS E 244 21.34 24.42 42.93
C LYS E 244 22.81 24.04 43.03
N LEU E 245 23.42 23.72 41.89
CA LEU E 245 24.85 23.38 41.83
C LEU E 245 25.69 24.64 41.61
N GLU E 246 25.48 25.64 42.46
CA GLU E 246 26.13 26.93 42.29
C GLU E 246 27.62 26.84 42.60
N LEU E 247 28.36 27.85 42.11
CA LEU E 247 29.79 27.90 42.33
C LEU E 247 30.09 28.12 43.80
N1 A1D9A F . -45.74 -13.59 7.73
N3 A1D9A F . -50.61 -12.44 3.71
C4 A1D9A F . -45.09 -17.84 8.24
C5 A1D9A F . -43.72 -17.65 8.44
C6 A1D9A F . -46.00 -19.09 8.33
C7 A1D9A F . -47.44 -18.63 8.03
C8 A1D9A F . -48.16 -19.05 6.93
C10 A1D9A F . -50.05 -17.76 7.69
C13 A1D9A F . -46.29 -19.39 9.84
C15 A1D9A F . -47.49 -20.64 11.49
C17 A1D9A F . -46.02 -18.85 12.15
C20 A1D9A F . -46.58 -12.41 7.56
C21 A1D9A F . -46.22 -11.63 6.32
C22 A1D9A F . -47.24 -10.49 6.04
C24 A1D9A F . -49.42 -12.16 3.91
CL1 A1D9A F . -51.70 -17.14 7.55
CL2 A1D9A F . -47.28 -20.18 14.18
C1 A1D9A F . -41.79 -15.96 8.45
O1 A1D9A F . -43.42 -13.16 7.44
S1 A1D9A F . -45.69 -16.28 7.86
C2 A1D9A F . -43.26 -16.34 8.27
N2 A1D9A F . -49.07 -10.81 4.32
O2 A1D9A F . -48.75 -12.85 6.52
C3 A1D9A F . -44.23 -15.41 7.94
O3 A1D9A F . -48.23 -14.06 8.22
N4 A1D9A F . -48.41 -13.20 3.78
C9 A1D9A F . -49.47 -18.61 6.77
C11 A1D9A F . -49.34 -17.34 8.79
C12 A1D9A F . -48.06 -17.79 8.95
C14 A1D9A F . -47.19 -20.40 10.17
C16 A1D9A F . -46.91 -19.88 12.46
C18 A1D9A F . -45.72 -18.60 10.83
C19 A1D9A F . -44.31 -13.91 7.67
C23 A1D9A F . -47.68 -10.44 4.57
C25 A1D9A F . -47.94 -13.13 7.42
#